data_2R2G
#
_entry.id   2R2G
#
_cell.length_a   53.763
_cell.length_b   86.197
_cell.length_c   76.933
_cell.angle_alpha   90.00
_cell.angle_beta   107.40
_cell.angle_gamma   90.00
#
_symmetry.space_group_name_H-M   'P 1 21 1'
#
loop_
_entity.id
_entity.type
_entity.pdbx_description
1 polymer 'Eugenol synthase 1'
2 non-polymer 'NADP NICOTINAMIDE-ADENINE-DINUCLEOTIDE PHOSPHATE'
3 non-polymer 'ethyl (1S,2S)-2-(4-hydroxy-3-methoxyphenyl)cyclopropanecarboxylate'
4 water water
#
_entity_poly.entity_id   1
_entity_poly.type   'polypeptide(L)'
_entity_poly.pdbx_seq_one_letter_code
;SGHGMEENGMKSKILIFGGTGYIGNHMVKGSLKLGHPTYVFTRPNSSKTTLLDEFQSLGAIIVKGELDEHEKLVELMKKV
DVVISALAFPQILDQFKILEAIKVAGNIKRFLPSDFGVEEDRINALPPFEALIERQRMIRRAIEEANIPYTYVSANCFAS
YFINYLLRPYDPKDEITVYGTGEAKFAMNYEQDIGLYTIKVATDPRALNRVVIYRPSTNIITQLELISRWEKKIGKKFKK
IHVPEEEIVALTKELPEPENIPIAILHCLFIDGATMSYDFKENDVEASTLYPELKFTTIDELLDIFVHDPPPPASAAF
;
_entity_poly.pdbx_strand_id   A,B
#
loop_
_chem_comp.id
_chem_comp.type
_chem_comp.name
_chem_comp.formula
EMF non-polymer 'ethyl (1S,2S)-2-(4-hydroxy-3-methoxyphenyl)cyclopropanecarboxylate' 'C13 H16 O4'
NAP non-polymer 'NADP NICOTINAMIDE-ADENINE-DINUCLEOTIDE PHOSPHATE' 'C21 H28 N7 O17 P3'
#
# COMPACT_ATOMS: atom_id res chain seq x y z
N GLY A 9 -0.15 15.00 38.26
CA GLY A 9 0.41 14.78 39.62
C GLY A 9 1.64 13.90 39.62
N MET A 10 1.56 12.76 40.29
CA MET A 10 2.67 11.82 40.38
C MET A 10 2.81 11.00 39.10
N LYS A 11 1.82 11.10 38.23
CA LYS A 11 1.81 10.37 36.97
C LYS A 11 3.11 10.53 36.19
N SER A 12 3.67 9.41 35.76
CA SER A 12 4.90 9.42 34.98
C SER A 12 4.62 10.12 33.64
N LYS A 13 5.57 10.89 33.14
CA LYS A 13 5.42 11.57 31.86
C LYS A 13 5.85 10.59 30.79
N ILE A 14 5.04 10.47 29.74
CA ILE A 14 5.32 9.51 28.71
C ILE A 14 5.59 10.09 27.32
N LEU A 15 6.69 9.64 26.71
CA LEU A 15 7.09 10.07 25.37
C LEU A 15 6.90 8.87 24.43
N ILE A 16 6.10 9.06 23.38
CA ILE A 16 5.83 8.01 22.43
C ILE A 16 6.34 8.39 21.04
N PHE A 17 7.12 7.50 20.44
CA PHE A 17 7.65 7.72 19.09
C PHE A 17 6.74 6.86 18.20
N GLY A 18 6.33 7.41 17.06
CA GLY A 18 5.44 6.67 16.18
C GLY A 18 4.01 6.70 16.69
N GLY A 19 3.72 7.70 17.53
CA GLY A 19 2.39 7.84 18.10
C GLY A 19 1.24 7.92 17.11
N THR A 20 1.51 8.39 15.90
CA THR A 20 0.48 8.53 14.87
C THR A 20 0.30 7.23 14.10
N GLY A 21 1.11 6.23 14.44
CA GLY A 21 1.06 4.96 13.75
C GLY A 21 -0.18 4.10 13.98
N TYR A 22 -0.24 2.97 13.30
CA TYR A 22 -1.38 2.07 13.41
C TYR A 22 -1.63 1.67 14.86
N ILE A 23 -0.60 1.18 15.54
CA ILE A 23 -0.77 0.78 16.93
C ILE A 23 -0.39 1.93 17.87
N GLY A 24 0.46 2.83 17.39
CA GLY A 24 0.87 3.96 18.20
C GLY A 24 -0.26 4.87 18.66
N ASN A 25 -1.25 5.12 17.79
CA ASN A 25 -2.34 6.01 18.16
C ASN A 25 -3.14 5.48 19.35
N HIS A 26 -3.19 4.16 19.48
CA HIS A 26 -3.90 3.52 20.57
C HIS A 26 -3.12 3.65 21.88
N MET A 27 -1.81 3.79 21.77
CA MET A 27 -0.97 3.96 22.94
C MET A 27 -1.08 5.41 23.41
N VAL A 28 -1.17 6.33 22.45
CA VAL A 28 -1.32 7.74 22.77
C VAL A 28 -2.66 7.98 23.46
N LYS A 29 -3.72 7.40 22.92
CA LYS A 29 -5.05 7.57 23.52
C LYS A 29 -5.12 6.91 24.89
N GLY A 30 -4.54 5.72 25.03
CA GLY A 30 -4.57 5.04 26.31
C GLY A 30 -3.79 5.79 27.38
N SER A 31 -2.69 6.43 26.98
CA SER A 31 -1.87 7.18 27.91
C SER A 31 -2.65 8.36 28.45
N LEU A 32 -3.36 9.04 27.54
CA LEU A 32 -4.15 10.20 27.91
C LEU A 32 -5.38 9.80 28.75
N LYS A 33 -5.99 8.67 28.40
CA LYS A 33 -7.15 8.18 29.13
C LYS A 33 -6.76 7.87 30.58
N LEU A 34 -5.55 7.40 30.77
CA LEU A 34 -5.05 7.07 32.10
C LEU A 34 -4.49 8.28 32.85
N GLY A 35 -4.63 9.46 32.25
CA GLY A 35 -4.18 10.69 32.87
C GLY A 35 -2.69 10.98 32.88
N HIS A 36 -1.97 10.36 31.96
CA HIS A 36 -0.52 10.56 31.89
C HIS A 36 -0.18 11.73 30.98
N PRO A 37 0.76 12.59 31.41
CA PRO A 37 1.13 13.72 30.54
C PRO A 37 1.72 12.97 29.34
N THR A 38 1.30 13.32 28.14
CA THR A 38 1.77 12.58 26.96
C THR A 38 2.43 13.41 25.87
N TYR A 39 3.65 13.01 25.52
CA TYR A 39 4.42 13.68 24.48
C TYR A 39 4.44 12.79 23.23
N VAL A 40 4.14 13.39 22.09
CA VAL A 40 4.11 12.67 20.83
C VAL A 40 5.12 13.27 19.85
N PHE A 41 6.14 12.49 19.51
CA PHE A 41 7.18 12.93 18.58
C PHE A 41 6.69 12.60 17.17
N THR A 42 6.73 13.56 16.27
CA THR A 42 6.25 13.33 14.91
C THR A 42 7.04 14.14 13.89
N ARG A 43 7.20 13.59 12.70
CA ARG A 43 7.95 14.29 11.64
C ARG A 43 7.23 15.57 11.21
N PRO A 44 8.01 16.58 10.79
CA PRO A 44 7.41 17.85 10.35
C PRO A 44 6.51 17.69 9.13
N ASN A 45 6.87 16.74 8.26
CA ASN A 45 6.12 16.51 7.03
C ASN A 45 5.04 15.43 7.10
N SER A 46 4.77 14.90 8.29
CA SER A 46 3.76 13.87 8.44
C SER A 46 2.40 14.30 7.89
N SER A 47 1.65 13.35 7.36
CA SER A 47 0.33 13.63 6.81
C SER A 47 -0.76 13.33 7.85
N LYS A 48 -0.32 12.99 9.06
CA LYS A 48 -1.24 12.67 10.15
C LYS A 48 -1.73 13.94 10.85
N THR A 49 -1.89 15.02 10.09
CA THR A 49 -2.31 16.31 10.63
C THR A 49 -3.63 16.28 11.41
N THR A 50 -4.65 15.63 10.86
CA THR A 50 -5.95 15.58 11.54
C THR A 50 -5.90 14.71 12.78
N LEU A 51 -5.05 13.68 12.76
CA LEU A 51 -4.91 12.79 13.90
C LEU A 51 -4.17 13.55 15.00
N LEU A 52 -3.18 14.35 14.61
CA LEU A 52 -2.42 15.15 15.55
C LEU A 52 -3.31 16.16 16.25
N ASP A 53 -4.28 16.70 15.53
CA ASP A 53 -5.19 17.66 16.10
C ASP A 53 -6.06 16.98 17.14
N GLU A 54 -6.45 15.73 16.86
CA GLU A 54 -7.27 14.96 17.78
C GLU A 54 -6.48 14.72 19.06
N PHE A 55 -5.22 14.32 18.90
CA PHE A 55 -4.34 14.09 20.04
C PHE A 55 -4.28 15.34 20.89
N GLN A 56 -4.03 16.47 20.22
CA GLN A 56 -3.91 17.76 20.87
C GLN A 56 -5.17 18.14 21.65
N SER A 57 -6.34 17.80 21.11
CA SER A 57 -7.60 18.13 21.78
C SER A 57 -7.81 17.22 22.98
N LEU A 58 -7.10 16.09 23.00
CA LEU A 58 -7.20 15.14 24.11
C LEU A 58 -6.20 15.44 25.21
N GLY A 59 -5.32 16.42 24.95
CA GLY A 59 -4.34 16.81 25.96
C GLY A 59 -2.87 16.50 25.69
N ALA A 60 -2.57 15.88 24.55
CA ALA A 60 -1.19 15.53 24.21
C ALA A 60 -0.34 16.73 23.79
N ILE A 61 0.96 16.61 24.01
CA ILE A 61 1.91 17.65 23.63
C ILE A 61 2.62 17.15 22.37
N ILE A 62 2.42 17.86 21.27
CA ILE A 62 3.01 17.48 20.00
C ILE A 62 4.40 18.07 19.83
N VAL A 63 5.36 17.22 19.46
CA VAL A 63 6.73 17.65 19.25
C VAL A 63 7.17 17.21 17.86
N LYS A 64 7.34 18.18 16.96
CA LYS A 64 7.76 17.88 15.60
C LYS A 64 9.28 17.87 15.49
N GLY A 65 9.80 16.91 14.73
CA GLY A 65 11.22 16.82 14.56
C GLY A 65 11.61 15.52 13.88
N GLU A 66 12.90 15.36 13.64
CA GLU A 66 13.42 14.17 12.99
C GLU A 66 14.26 13.40 13.99
N LEU A 67 14.37 12.10 13.82
CA LEU A 67 15.16 11.27 14.72
C LEU A 67 16.64 11.67 14.65
N ASP A 68 17.03 12.28 13.54
CA ASP A 68 18.41 12.69 13.37
C ASP A 68 18.80 13.90 14.21
N GLU A 69 17.81 14.50 14.87
CA GLU A 69 18.08 15.66 15.71
C GLU A 69 18.47 15.22 17.12
N HIS A 70 19.70 14.73 17.25
CA HIS A 70 20.21 14.23 18.52
C HIS A 70 20.02 15.17 19.70
N GLU A 71 20.46 16.42 19.55
CA GLU A 71 20.33 17.38 20.65
C GLU A 71 18.88 17.56 21.09
N LYS A 72 17.98 17.68 20.13
CA LYS A 72 16.56 17.85 20.45
C LYS A 72 16.04 16.65 21.24
N LEU A 73 16.40 15.45 20.80
CA LEU A 73 15.96 14.23 21.48
C LEU A 73 16.46 14.17 22.92
N VAL A 74 17.71 14.55 23.14
CA VAL A 74 18.27 14.55 24.48
C VAL A 74 17.50 15.52 25.39
N GLU A 75 17.29 16.73 24.92
CA GLU A 75 16.59 17.74 25.70
C GLU A 75 15.16 17.30 25.99
N LEU A 76 14.59 16.55 25.06
CA LEU A 76 13.23 16.05 25.23
C LEU A 76 13.22 14.91 26.26
N MET A 77 14.23 14.05 26.19
CA MET A 77 14.33 12.92 27.11
C MET A 77 14.40 13.40 28.56
N LYS A 78 15.12 14.49 28.77
CA LYS A 78 15.29 15.07 30.10
C LYS A 78 13.98 15.52 30.73
N LYS A 79 12.94 15.69 29.91
CA LYS A 79 11.65 16.14 30.43
C LYS A 79 10.63 15.03 30.69
N VAL A 80 10.95 13.80 30.31
CA VAL A 80 10.01 12.70 30.51
C VAL A 80 10.58 11.58 31.38
N ASP A 81 9.75 10.59 31.70
CA ASP A 81 10.15 9.45 32.52
C ASP A 81 10.12 8.12 31.77
N VAL A 82 9.14 7.98 30.88
CA VAL A 82 8.97 6.75 30.13
C VAL A 82 8.99 7.00 28.63
N VAL A 83 9.63 6.10 27.90
CA VAL A 83 9.75 6.21 26.45
C VAL A 83 9.23 4.95 25.79
N ILE A 84 8.26 5.10 24.90
CA ILE A 84 7.73 3.95 24.19
C ILE A 84 7.93 4.19 22.69
N SER A 85 8.44 3.18 21.98
CA SER A 85 8.63 3.30 20.54
C SER A 85 7.67 2.37 19.82
N ALA A 86 6.89 2.94 18.90
CA ALA A 86 5.95 2.17 18.09
C ALA A 86 6.28 2.41 16.62
N LEU A 87 7.58 2.56 16.32
CA LEU A 87 8.03 2.78 14.95
C LEU A 87 7.86 1.51 14.12
N ALA A 88 7.80 1.67 12.80
CA ALA A 88 7.62 0.55 11.87
C ALA A 88 8.92 -0.20 11.54
N PHE A 89 8.77 -1.37 10.96
CA PHE A 89 9.90 -2.22 10.58
C PHE A 89 11.07 -1.53 9.88
N PRO A 90 10.78 -0.70 8.85
CA PRO A 90 11.86 0.01 8.14
C PRO A 90 12.75 0.86 9.04
N GLN A 91 12.24 1.20 10.22
CA GLN A 91 13.00 2.04 11.16
C GLN A 91 13.45 1.33 12.43
N ILE A 92 13.52 0.01 12.42
CA ILE A 92 13.93 -0.71 13.63
C ILE A 92 15.30 -0.30 14.15
N LEU A 93 16.31 -0.28 13.29
CA LEU A 93 17.63 0.09 13.76
C LEU A 93 17.75 1.60 13.98
N ASP A 94 16.79 2.36 13.47
CA ASP A 94 16.80 3.81 13.69
C ASP A 94 16.53 4.07 15.16
N GLN A 95 16.02 3.05 15.85
CA GLN A 95 15.76 3.19 17.27
C GLN A 95 17.07 3.41 18.02
N PHE A 96 18.19 3.14 17.36
CA PHE A 96 19.47 3.37 18.02
C PHE A 96 19.68 4.86 18.26
N LYS A 97 18.95 5.68 17.52
CA LYS A 97 19.05 7.13 17.68
C LYS A 97 18.28 7.48 18.96
N ILE A 98 17.19 6.76 19.19
CA ILE A 98 16.39 6.99 20.38
C ILE A 98 17.19 6.54 21.58
N LEU A 99 17.78 5.35 21.48
CA LEU A 99 18.58 4.79 22.56
C LEU A 99 19.78 5.65 22.94
N GLU A 100 20.45 6.21 21.93
CA GLU A 100 21.62 7.06 22.21
C GLU A 100 21.16 8.26 23.04
N ALA A 101 20.02 8.84 22.71
CA ALA A 101 19.51 9.99 23.43
C ALA A 101 19.14 9.61 24.88
N ILE A 102 18.58 8.43 25.05
CA ILE A 102 18.20 7.94 26.38
C ILE A 102 19.46 7.83 27.25
N LYS A 103 20.51 7.27 26.65
CA LYS A 103 21.79 7.09 27.35
C LYS A 103 22.41 8.40 27.80
N VAL A 104 22.39 9.41 26.94
CA VAL A 104 22.94 10.71 27.29
C VAL A 104 22.11 11.41 28.37
N ALA A 105 20.79 11.40 28.21
CA ALA A 105 19.90 12.04 29.19
C ALA A 105 20.06 11.37 30.54
N GLY A 106 20.05 10.04 30.57
CA GLY A 106 20.23 9.31 31.82
C GLY A 106 19.11 9.23 32.84
N ASN A 107 18.01 9.93 32.63
CA ASN A 107 16.91 9.94 33.59
C ASN A 107 15.71 9.04 33.28
N ILE A 108 15.75 8.33 32.16
CA ILE A 108 14.62 7.48 31.78
C ILE A 108 14.40 6.30 32.72
N LYS A 109 13.14 6.10 33.11
CA LYS A 109 12.77 5.04 34.04
C LYS A 109 12.33 3.73 33.38
N ARG A 110 11.96 3.79 32.11
CA ARG A 110 11.53 2.59 31.39
C ARG A 110 11.50 2.87 29.88
N PHE A 111 12.04 1.94 29.10
CA PHE A 111 12.05 2.06 27.65
C PHE A 111 11.39 0.82 27.06
N LEU A 112 10.39 1.02 26.20
CA LEU A 112 9.72 -0.08 25.54
C LEU A 112 10.03 0.04 24.04
N PRO A 113 10.91 -0.83 23.51
CA PRO A 113 11.24 -0.78 22.08
C PRO A 113 10.06 -1.26 21.24
N SER A 114 10.12 -1.02 19.93
CA SER A 114 9.03 -1.40 19.04
C SER A 114 9.00 -2.88 18.68
N ASP A 115 8.27 -3.65 19.49
CA ASP A 115 8.11 -5.08 19.27
C ASP A 115 6.63 -5.26 18.94
N PHE A 116 5.82 -5.39 19.99
CA PHE A 116 4.38 -5.56 19.86
C PHE A 116 3.98 -6.60 18.81
N GLY A 117 4.57 -7.79 18.92
CA GLY A 117 4.28 -8.86 17.99
C GLY A 117 4.67 -10.19 18.59
N VAL A 118 5.51 -10.94 17.87
CA VAL A 118 5.96 -12.24 18.34
C VAL A 118 7.11 -12.04 19.32
N GLU A 119 7.33 -13.03 20.17
CA GLU A 119 8.41 -12.97 21.16
C GLU A 119 9.65 -13.43 20.40
N GLU A 120 10.37 -12.48 19.79
CA GLU A 120 11.56 -12.79 18.98
C GLU A 120 12.72 -13.50 19.66
N ASP A 121 12.82 -13.46 20.99
CA ASP A 121 13.94 -14.14 21.63
C ASP A 121 13.68 -15.62 21.90
N ARG A 122 12.55 -16.14 21.44
CA ARG A 122 12.27 -17.56 21.65
C ARG A 122 11.73 -18.26 20.39
N ILE A 123 11.64 -17.52 19.29
CA ILE A 123 11.15 -18.13 18.06
C ILE A 123 11.99 -17.73 16.84
N ASN A 124 11.99 -18.59 15.83
CA ASN A 124 12.73 -18.31 14.60
C ASN A 124 11.77 -18.37 13.44
N ALA A 125 12.06 -17.62 12.38
CA ALA A 125 11.20 -17.60 11.21
C ALA A 125 12.00 -17.79 9.93
N LEU A 126 11.30 -17.69 8.79
CA LEU A 126 11.96 -17.82 7.51
C LEU A 126 12.80 -16.57 7.30
N PRO A 127 13.89 -16.68 6.53
CA PRO A 127 14.82 -15.59 6.23
C PRO A 127 14.23 -14.17 6.08
N PRO A 128 13.16 -14.01 5.29
CA PRO A 128 12.62 -12.66 5.14
C PRO A 128 12.19 -12.00 6.46
N PHE A 129 11.55 -12.79 7.33
CA PHE A 129 11.08 -12.29 8.62
C PHE A 129 12.18 -12.37 9.68
N GLU A 130 13.03 -13.40 9.58
CA GLU A 130 14.12 -13.60 10.53
C GLU A 130 15.08 -12.41 10.55
N ALA A 131 15.27 -11.79 9.39
CA ALA A 131 16.17 -10.65 9.29
C ALA A 131 15.61 -9.44 10.05
N LEU A 132 14.30 -9.27 9.98
CA LEU A 132 13.65 -8.15 10.66
C LEU A 132 13.65 -8.31 12.17
N ILE A 133 13.30 -9.50 12.66
CA ILE A 133 13.28 -9.70 14.10
C ILE A 133 14.68 -9.83 14.68
N GLU A 134 15.67 -10.08 13.83
CA GLU A 134 17.04 -10.15 14.32
C GLU A 134 17.45 -8.71 14.65
N ARG A 135 16.89 -7.76 13.92
CA ARG A 135 17.18 -6.35 14.15
C ARG A 135 16.57 -5.97 15.50
N GLN A 136 15.37 -6.46 15.77
CA GLN A 136 14.70 -6.15 17.03
C GLN A 136 15.52 -6.75 18.19
N ARG A 137 16.16 -7.89 17.95
CA ARG A 137 16.99 -8.50 18.97
C ARG A 137 18.22 -7.62 19.24
N MET A 138 18.81 -7.08 18.17
CA MET A 138 19.98 -6.21 18.32
C MET A 138 19.65 -5.05 19.26
N ILE A 139 18.44 -4.51 19.12
CA ILE A 139 18.00 -3.40 19.95
C ILE A 139 17.95 -3.90 21.40
N ARG A 140 17.34 -5.06 21.60
CA ARG A 140 17.24 -5.61 22.95
C ARG A 140 18.62 -5.82 23.58
N ARG A 141 19.55 -6.38 22.81
CA ARG A 141 20.88 -6.63 23.35
C ARG A 141 21.59 -5.33 23.78
N ALA A 142 21.37 -4.25 23.03
CA ALA A 142 21.99 -2.97 23.37
C ALA A 142 21.39 -2.41 24.66
N ILE A 143 20.08 -2.50 24.80
CA ILE A 143 19.37 -2.03 26.00
C ILE A 143 19.94 -2.69 27.25
N GLU A 144 20.07 -4.00 27.20
CA GLU A 144 20.56 -4.78 28.32
C GLU A 144 22.03 -4.49 28.61
N GLU A 145 22.81 -4.30 27.55
CA GLU A 145 24.22 -4.00 27.68
C GLU A 145 24.42 -2.67 28.42
N ALA A 146 23.52 -1.73 28.18
CA ALA A 146 23.60 -0.41 28.81
C ALA A 146 22.83 -0.30 30.13
N ASN A 147 22.23 -1.40 30.57
CA ASN A 147 21.47 -1.42 31.82
C ASN A 147 20.29 -0.45 31.84
N ILE A 148 19.67 -0.23 30.68
CA ILE A 148 18.52 0.65 30.58
C ILE A 148 17.27 -0.12 31.02
N PRO A 149 16.47 0.44 31.95
CA PRO A 149 15.27 -0.25 32.42
C PRO A 149 14.33 -0.46 31.24
N TYR A 150 13.78 -1.66 31.12
CA TYR A 150 12.92 -1.96 29.99
C TYR A 150 11.74 -2.88 30.29
N THR A 151 10.93 -3.07 29.25
CA THR A 151 9.83 -3.98 29.28
C THR A 151 9.71 -4.36 27.82
N TYR A 152 9.69 -5.66 27.56
CA TYR A 152 9.55 -6.14 26.20
C TYR A 152 8.13 -6.65 26.03
N VAL A 153 7.36 -6.00 25.16
CA VAL A 153 5.97 -6.40 24.95
C VAL A 153 5.71 -7.27 23.73
N SER A 154 5.14 -8.45 23.97
CA SER A 154 4.76 -9.35 22.89
C SER A 154 3.25 -9.26 22.90
N ALA A 155 2.69 -8.48 21.99
CA ALA A 155 1.24 -8.30 21.97
C ALA A 155 0.52 -9.32 21.11
N ASN A 156 1.29 -10.18 20.45
CA ASN A 156 0.73 -11.19 19.55
C ASN A 156 0.00 -10.53 18.39
N CYS A 157 -1.08 -11.14 17.85
CA CYS A 157 -1.74 -10.56 16.67
C CYS A 157 -2.71 -9.40 16.90
N PHE A 158 -2.55 -8.33 16.11
CA PHE A 158 -3.46 -7.18 16.21
C PHE A 158 -4.77 -7.73 15.63
N ALA A 159 -5.79 -7.82 16.47
CA ALA A 159 -7.09 -8.40 16.09
C ALA A 159 -7.89 -7.79 14.95
N SER A 160 -8.12 -6.48 14.95
CA SER A 160 -8.89 -5.89 13.85
C SER A 160 -8.12 -6.07 12.56
N TYR A 161 -6.80 -5.90 12.64
CA TYR A 161 -5.93 -6.03 11.48
C TYR A 161 -6.10 -7.40 10.87
N PHE A 162 -6.00 -8.44 11.69
CA PHE A 162 -6.10 -9.78 11.15
C PHE A 162 -7.49 -10.30 10.88
N ILE A 163 -8.49 -9.75 11.56
CA ILE A 163 -9.85 -10.18 11.26
C ILE A 163 -10.10 -9.61 9.85
N ASN A 164 -9.67 -8.38 9.60
CA ASN A 164 -9.83 -7.77 8.28
C ASN A 164 -9.07 -8.56 7.22
N TYR A 165 -7.83 -8.92 7.55
CA TYR A 165 -6.98 -9.64 6.62
C TYR A 165 -7.44 -11.06 6.30
N LEU A 166 -7.85 -11.80 7.34
CA LEU A 166 -8.27 -13.19 7.17
C LEU A 166 -9.72 -13.38 6.71
N LEU A 167 -10.64 -12.62 7.29
CA LEU A 167 -12.05 -12.76 6.95
C LEU A 167 -12.54 -11.80 5.86
N ARG A 168 -11.77 -10.76 5.58
CA ARG A 168 -12.14 -9.78 4.56
C ARG A 168 -13.65 -9.51 4.67
N PRO A 169 -14.13 -9.14 5.86
CA PRO A 169 -15.54 -8.85 6.12
C PRO A 169 -16.18 -7.82 5.20
N TYR A 170 -15.36 -6.97 4.60
CA TYR A 170 -15.85 -5.95 3.69
C TYR A 170 -15.87 -6.47 2.26
N ASP A 171 -15.78 -7.79 2.12
CA ASP A 171 -15.79 -8.43 0.81
C ASP A 171 -16.93 -9.44 0.74
N PRO A 172 -17.87 -9.26 -0.20
CA PRO A 172 -19.01 -10.16 -0.35
C PRO A 172 -18.72 -11.51 -1.03
N LYS A 173 -17.44 -11.86 -1.16
CA LYS A 173 -17.06 -13.11 -1.82
C LYS A 173 -17.59 -14.36 -1.12
N ASP A 174 -17.67 -15.47 -1.85
CA ASP A 174 -18.17 -16.73 -1.31
C ASP A 174 -17.06 -17.69 -0.88
N GLU A 175 -15.82 -17.32 -1.15
CA GLU A 175 -14.68 -18.16 -0.76
C GLU A 175 -13.80 -17.44 0.25
N ILE A 176 -13.02 -18.22 0.98
CA ILE A 176 -12.10 -17.67 1.96
C ILE A 176 -10.79 -18.42 1.86
N THR A 177 -9.69 -17.67 1.88
CA THR A 177 -8.36 -18.24 1.79
C THR A 177 -7.85 -18.67 3.18
N VAL A 178 -7.35 -19.89 3.26
CA VAL A 178 -6.79 -20.42 4.50
C VAL A 178 -5.32 -20.70 4.22
N TYR A 179 -4.46 -20.31 5.15
CA TYR A 179 -3.02 -20.51 4.99
C TYR A 179 -2.60 -21.78 5.70
N GLY A 180 -2.03 -22.72 4.93
CA GLY A 180 -1.64 -23.98 5.50
C GLY A 180 -2.90 -24.77 5.81
N THR A 181 -2.82 -25.66 6.79
CA THR A 181 -3.99 -26.46 7.16
C THR A 181 -5.03 -25.62 7.89
N GLY A 182 -4.58 -24.53 8.50
CA GLY A 182 -5.48 -23.66 9.24
C GLY A 182 -5.72 -24.12 10.66
N GLU A 183 -5.01 -25.16 11.09
CA GLU A 183 -5.19 -25.70 12.43
C GLU A 183 -4.24 -25.14 13.48
N ALA A 184 -3.30 -24.29 13.05
CA ALA A 184 -2.34 -23.69 13.96
C ALA A 184 -3.02 -22.65 14.85
N LYS A 185 -2.79 -22.73 16.15
CA LYS A 185 -3.37 -21.78 17.07
C LYS A 185 -2.57 -20.49 17.10
N PHE A 186 -3.26 -19.39 17.36
CA PHE A 186 -2.63 -18.07 17.49
C PHE A 186 -3.50 -17.22 18.42
N ALA A 187 -2.92 -16.17 18.98
CA ALA A 187 -3.67 -15.30 19.88
C ALA A 187 -3.78 -13.92 19.25
N MET A 188 -4.95 -13.32 19.32
CA MET A 188 -5.11 -11.99 18.75
C MET A 188 -5.82 -11.07 19.74
N ASN A 189 -5.31 -9.85 19.83
CA ASN A 189 -5.85 -8.87 20.75
C ASN A 189 -6.29 -7.56 20.08
N TYR A 190 -7.38 -7.01 20.59
CA TYR A 190 -7.94 -5.76 20.09
C TYR A 190 -6.92 -4.65 20.30
N GLU A 191 -6.68 -3.89 19.25
CA GLU A 191 -5.70 -2.80 19.27
C GLU A 191 -5.90 -1.79 20.39
N GLN A 192 -7.14 -1.41 20.65
CA GLN A 192 -7.42 -0.45 21.71
C GLN A 192 -6.93 -0.96 23.07
N ASP A 193 -7.09 -2.26 23.33
CA ASP A 193 -6.66 -2.85 24.59
C ASP A 193 -5.14 -2.98 24.62
N ILE A 194 -4.56 -3.37 23.50
CA ILE A 194 -3.11 -3.50 23.40
C ILE A 194 -2.51 -2.16 23.81
N GLY A 195 -3.12 -1.09 23.31
CA GLY A 195 -2.65 0.25 23.65
C GLY A 195 -2.77 0.56 25.13
N LEU A 196 -3.92 0.27 25.71
CA LEU A 196 -4.16 0.56 27.12
C LEU A 196 -3.25 -0.24 28.05
N TYR A 197 -3.19 -1.55 27.83
CA TYR A 197 -2.35 -2.44 28.65
C TYR A 197 -0.87 -2.05 28.54
N THR A 198 -0.46 -1.59 27.36
CA THR A 198 0.92 -1.20 27.16
C THR A 198 1.26 -0.01 28.07
N ILE A 199 0.34 0.95 28.20
CA ILE A 199 0.61 2.09 29.06
C ILE A 199 0.68 1.61 30.52
N LYS A 200 -0.27 0.76 30.91
CA LYS A 200 -0.30 0.21 32.26
C LYS A 200 0.99 -0.52 32.63
N VAL A 201 1.44 -1.46 31.81
CA VAL A 201 2.65 -2.19 32.16
C VAL A 201 3.90 -1.32 32.12
N ALA A 202 3.92 -0.29 31.28
CA ALA A 202 5.11 0.58 31.21
C ALA A 202 5.44 1.25 32.55
N THR A 203 4.48 1.27 33.47
CA THR A 203 4.73 1.87 34.77
C THR A 203 4.50 0.92 35.94
N ASP A 204 4.15 -0.31 35.62
CA ASP A 204 3.90 -1.33 36.64
C ASP A 204 5.23 -1.96 37.06
N PRO A 205 5.60 -1.85 38.35
CA PRO A 205 6.87 -2.44 38.79
C PRO A 205 6.99 -3.92 38.45
N ARG A 206 5.84 -4.59 38.34
CA ARG A 206 5.81 -6.00 38.04
C ARG A 206 6.30 -6.33 36.63
N ALA A 207 6.42 -5.30 35.79
CA ALA A 207 6.87 -5.52 34.42
C ALA A 207 8.28 -4.97 34.20
N LEU A 208 8.90 -4.44 35.26
CA LEU A 208 10.25 -3.89 35.12
C LEU A 208 11.28 -4.93 34.68
N ASN A 209 11.95 -4.63 33.58
CA ASN A 209 12.97 -5.50 33.01
C ASN A 209 12.48 -6.93 32.79
N ARG A 210 11.27 -7.04 32.26
CA ARG A 210 10.70 -8.35 31.99
C ARG A 210 10.00 -8.38 30.65
N VAL A 211 9.72 -9.59 30.17
CA VAL A 211 8.99 -9.77 28.93
C VAL A 211 7.53 -9.90 29.38
N VAL A 212 6.65 -9.13 28.74
CA VAL A 212 5.22 -9.19 29.04
C VAL A 212 4.55 -9.70 27.78
N ILE A 213 3.73 -10.73 27.93
CA ILE A 213 3.02 -11.34 26.80
C ILE A 213 1.51 -11.14 26.97
N TYR A 214 0.85 -10.70 25.90
CA TYR A 214 -0.60 -10.50 25.93
C TYR A 214 -1.24 -11.76 25.39
N ARG A 215 -1.73 -12.62 26.29
CA ARG A 215 -2.34 -13.85 25.84
C ARG A 215 -3.56 -14.24 26.66
N PRO A 216 -4.63 -13.43 26.59
CA PRO A 216 -5.83 -13.78 27.37
C PRO A 216 -6.42 -15.08 26.83
N SER A 217 -6.88 -15.96 27.72
CA SER A 217 -7.40 -17.27 27.32
C SER A 217 -8.61 -17.22 26.39
N THR A 218 -9.33 -16.11 26.38
CA THR A 218 -10.51 -15.95 25.54
C THR A 218 -10.13 -15.51 24.12
N ASN A 219 -8.85 -15.28 23.87
CA ASN A 219 -8.42 -14.80 22.56
C ASN A 219 -7.47 -15.72 21.79
N ILE A 220 -7.55 -17.01 22.05
CA ILE A 220 -6.74 -18.00 21.36
C ILE A 220 -7.68 -18.74 20.40
N ILE A 221 -7.26 -18.89 19.15
CA ILE A 221 -8.11 -19.54 18.17
C ILE A 221 -7.28 -19.99 16.97
N THR A 222 -7.92 -20.71 16.04
CA THR A 222 -7.26 -21.17 14.82
C THR A 222 -7.99 -20.51 13.67
N GLN A 223 -7.41 -20.55 12.47
CA GLN A 223 -8.07 -19.93 11.32
C GLN A 223 -9.42 -20.57 11.05
N LEU A 224 -9.48 -21.89 11.09
CA LEU A 224 -10.73 -22.60 10.83
C LEU A 224 -11.79 -22.27 11.88
N GLU A 225 -11.38 -22.16 13.14
CA GLU A 225 -12.35 -21.83 14.19
C GLU A 225 -12.85 -20.39 14.03
N LEU A 226 -11.98 -19.48 13.63
CA LEU A 226 -12.39 -18.09 13.44
C LEU A 226 -13.40 -18.02 12.32
N ILE A 227 -13.14 -18.74 11.23
CA ILE A 227 -14.06 -18.75 10.11
C ILE A 227 -15.42 -19.30 10.55
N SER A 228 -15.40 -20.43 11.27
CA SER A 228 -16.62 -21.07 11.75
C SER A 228 -17.49 -20.15 12.60
N ARG A 229 -16.87 -19.44 13.54
CA ARG A 229 -17.60 -18.54 14.42
C ARG A 229 -18.14 -17.33 13.66
N TRP A 230 -17.40 -16.88 12.65
CA TRP A 230 -17.84 -15.75 11.84
C TRP A 230 -19.04 -16.20 11.00
N GLU A 231 -18.96 -17.41 10.45
CA GLU A 231 -20.05 -17.93 9.65
C GLU A 231 -21.35 -17.97 10.44
N LYS A 232 -21.26 -18.34 11.72
CA LYS A 232 -22.44 -18.40 12.57
C LYS A 232 -23.01 -17.00 12.87
N LYS A 233 -22.10 -16.05 13.08
CA LYS A 233 -22.50 -14.68 13.37
C LYS A 233 -23.26 -14.00 12.24
N ILE A 234 -22.83 -14.23 11.00
CA ILE A 234 -23.46 -13.57 9.88
C ILE A 234 -24.40 -14.44 9.06
N GLY A 235 -24.50 -15.71 9.44
CA GLY A 235 -25.40 -16.63 8.76
C GLY A 235 -25.05 -16.97 7.32
N LYS A 236 -23.76 -17.10 7.02
CA LYS A 236 -23.30 -17.42 5.68
C LYS A 236 -22.18 -18.45 5.72
N LYS A 237 -22.10 -19.29 4.69
CA LYS A 237 -21.06 -20.31 4.61
C LYS A 237 -20.06 -19.98 3.51
N PHE A 238 -18.78 -20.21 3.78
CA PHE A 238 -17.72 -19.92 2.81
C PHE A 238 -17.05 -21.18 2.31
N LYS A 239 -16.50 -21.12 1.10
CA LYS A 239 -15.76 -22.26 0.56
C LYS A 239 -14.33 -21.96 0.97
N LYS A 240 -13.68 -22.90 1.65
CA LYS A 240 -12.31 -22.67 2.09
C LYS A 240 -11.27 -23.11 1.06
N ILE A 241 -10.40 -22.18 0.68
CA ILE A 241 -9.35 -22.46 -0.29
C ILE A 241 -8.01 -22.37 0.44
N HIS A 242 -7.32 -23.50 0.53
CA HIS A 242 -6.04 -23.56 1.24
C HIS A 242 -4.82 -23.25 0.38
N VAL A 243 -3.84 -22.59 0.98
CA VAL A 243 -2.59 -22.27 0.31
C VAL A 243 -1.57 -23.16 1.00
N PRO A 244 -1.14 -24.25 0.34
CA PRO A 244 -0.16 -25.19 0.89
C PRO A 244 1.06 -24.54 1.50
N GLU A 245 1.54 -25.12 2.60
CA GLU A 245 2.71 -24.60 3.29
C GLU A 245 3.92 -24.54 2.35
N GLU A 246 4.21 -25.64 1.68
CA GLU A 246 5.34 -25.69 0.76
C GLU A 246 5.23 -24.58 -0.28
N GLU A 247 3.99 -24.20 -0.59
CA GLU A 247 3.76 -23.15 -1.55
C GLU A 247 4.21 -21.81 -0.97
N ILE A 248 3.82 -21.56 0.27
CA ILE A 248 4.17 -20.33 0.98
C ILE A 248 5.69 -20.19 1.11
N VAL A 249 6.33 -21.28 1.51
CA VAL A 249 7.78 -21.30 1.69
C VAL A 249 8.49 -20.96 0.38
N ALA A 250 8.08 -21.61 -0.70
CA ALA A 250 8.69 -21.38 -2.01
C ALA A 250 8.64 -19.90 -2.40
N LEU A 251 7.50 -19.26 -2.15
CA LEU A 251 7.32 -17.85 -2.49
C LEU A 251 8.29 -16.92 -1.77
N THR A 252 8.56 -17.21 -0.50
CA THR A 252 9.47 -16.39 0.28
C THR A 252 10.88 -16.37 -0.33
N LYS A 253 11.20 -17.41 -1.09
CA LYS A 253 12.52 -17.51 -1.72
C LYS A 253 12.58 -16.90 -3.11
N GLU A 254 11.46 -16.89 -3.82
CA GLU A 254 11.43 -16.35 -5.18
C GLU A 254 10.91 -14.92 -5.31
N LEU A 255 9.92 -14.55 -4.51
CA LEU A 255 9.37 -13.19 -4.59
C LEU A 255 10.39 -12.18 -4.10
N PRO A 256 10.33 -10.95 -4.65
CA PRO A 256 11.26 -9.90 -4.23
C PRO A 256 10.85 -9.30 -2.90
N GLU A 257 11.67 -8.40 -2.38
CA GLU A 257 11.35 -7.72 -1.13
C GLU A 257 10.69 -6.42 -1.54
N PRO A 258 9.74 -5.92 -0.73
CA PRO A 258 9.22 -6.47 0.52
C PRO A 258 8.08 -7.47 0.35
N GLU A 259 7.72 -7.78 -0.89
CA GLU A 259 6.63 -8.72 -1.15
C GLU A 259 6.72 -10.03 -0.36
N ASN A 260 7.92 -10.57 -0.20
CA ASN A 260 8.08 -11.83 0.51
C ASN A 260 8.00 -11.76 2.03
N ILE A 261 8.09 -10.55 2.60
CA ILE A 261 8.02 -10.41 4.05
C ILE A 261 6.66 -10.83 4.61
N PRO A 262 5.55 -10.30 4.06
CA PRO A 262 4.23 -10.69 4.58
C PRO A 262 4.02 -12.20 4.49
N ILE A 263 4.46 -12.78 3.38
CA ILE A 263 4.32 -14.21 3.16
C ILE A 263 5.03 -14.99 4.27
N ALA A 264 6.27 -14.60 4.58
CA ALA A 264 7.05 -15.26 5.62
C ALA A 264 6.39 -15.12 6.98
N ILE A 265 5.76 -13.96 7.23
CA ILE A 265 5.08 -13.71 8.49
C ILE A 265 3.81 -14.57 8.56
N LEU A 266 3.12 -14.68 7.43
CA LEU A 266 1.91 -15.49 7.38
C LEU A 266 2.27 -16.93 7.74
N HIS A 267 3.44 -17.36 7.30
CA HIS A 267 3.89 -18.72 7.59
C HIS A 267 4.18 -18.89 9.08
N CYS A 268 4.89 -17.92 9.64
CA CYS A 268 5.26 -17.96 11.04
C CYS A 268 4.05 -17.91 11.95
N LEU A 269 3.10 -17.03 11.63
CA LEU A 269 1.91 -16.86 12.43
C LEU A 269 0.83 -17.93 12.30
N PHE A 270 0.45 -18.24 11.07
CA PHE A 270 -0.64 -19.17 10.86
C PHE A 270 -0.30 -20.58 10.41
N ILE A 271 0.98 -20.88 10.26
CA ILE A 271 1.39 -22.21 9.86
C ILE A 271 2.24 -22.83 10.96
N ASP A 272 3.24 -22.07 11.42
CA ASP A 272 4.11 -22.51 12.50
C ASP A 272 3.44 -22.22 13.85
N GLY A 273 2.50 -21.27 13.85
CA GLY A 273 1.80 -20.91 15.07
C GLY A 273 2.74 -20.36 16.14
N ALA A 274 3.59 -19.43 15.75
CA ALA A 274 4.58 -18.84 16.66
C ALA A 274 4.06 -18.11 17.90
N THR A 275 2.82 -17.63 17.86
CA THR A 275 2.28 -16.92 19.02
C THR A 275 1.77 -17.89 20.09
N MET A 276 1.67 -19.17 19.73
CA MET A 276 1.16 -20.19 20.64
C MET A 276 1.99 -21.47 20.68
N SER A 277 3.20 -21.41 20.15
CA SER A 277 4.06 -22.59 20.09
C SER A 277 4.96 -22.79 21.31
N TYR A 278 4.83 -21.93 22.33
CA TYR A 278 5.67 -22.03 23.52
C TYR A 278 4.90 -21.92 24.83
N ASP A 279 5.53 -22.36 25.91
CA ASP A 279 4.95 -22.28 27.25
C ASP A 279 5.63 -21.11 27.96
N PHE A 280 4.94 -20.52 28.93
CA PHE A 280 5.50 -19.39 29.65
C PHE A 280 6.75 -19.74 30.47
N LYS A 281 7.66 -18.79 30.56
CA LYS A 281 8.88 -18.98 31.34
C LYS A 281 8.64 -18.47 32.76
N GLU A 282 9.56 -18.78 33.66
CA GLU A 282 9.43 -18.35 35.05
C GLU A 282 9.22 -16.86 35.20
N ASN A 283 10.07 -16.08 34.54
CA ASN A 283 10.00 -14.62 34.62
C ASN A 283 9.03 -13.94 33.67
N ASP A 284 8.34 -14.72 32.83
CA ASP A 284 7.37 -14.15 31.90
C ASP A 284 6.20 -13.58 32.71
N VAL A 285 5.54 -12.57 32.14
CA VAL A 285 4.37 -11.97 32.77
C VAL A 285 3.25 -11.93 31.74
N GLU A 286 2.12 -12.56 32.05
CA GLU A 286 0.98 -12.53 31.14
C GLU A 286 0.09 -11.38 31.63
N ALA A 287 -0.07 -10.38 30.77
CA ALA A 287 -0.79 -9.17 31.09
C ALA A 287 -2.23 -9.25 31.57
N SER A 288 -3.04 -10.15 31.03
CA SER A 288 -4.44 -10.23 31.45
C SER A 288 -4.60 -10.55 32.93
N THR A 289 -3.58 -11.17 33.53
CA THR A 289 -3.65 -11.53 34.95
C THR A 289 -3.26 -10.38 35.87
N LEU A 290 -2.85 -9.25 35.31
CA LEU A 290 -2.40 -8.11 36.09
C LEU A 290 -3.37 -7.13 36.72
N TYR A 291 -4.47 -6.83 36.03
CA TYR A 291 -5.42 -5.85 36.51
C TYR A 291 -6.87 -6.35 36.62
N PRO A 292 -7.34 -6.63 37.85
CA PRO A 292 -8.70 -7.13 38.02
C PRO A 292 -9.79 -6.13 37.60
N GLU A 293 -9.40 -4.88 37.33
CA GLU A 293 -10.37 -3.87 36.94
C GLU A 293 -10.47 -3.76 35.41
N LEU A 294 -9.60 -4.47 34.71
CA LEU A 294 -9.58 -4.45 33.24
C LEU A 294 -9.60 -5.86 32.67
N LYS A 295 -9.90 -5.95 31.38
CA LYS A 295 -9.90 -7.23 30.68
C LYS A 295 -9.79 -6.96 29.18
N PHE A 296 -9.29 -7.95 28.44
CA PHE A 296 -9.15 -7.82 27.00
C PHE A 296 -10.49 -8.15 26.33
N THR A 297 -10.84 -7.36 25.32
CA THR A 297 -12.06 -7.57 24.55
C THR A 297 -11.90 -8.97 23.97
N THR A 298 -12.90 -9.83 24.17
CA THR A 298 -12.81 -11.20 23.68
C THR A 298 -13.05 -11.32 22.19
N ILE A 299 -12.83 -12.53 21.65
CA ILE A 299 -13.02 -12.77 20.23
C ILE A 299 -14.49 -12.67 19.85
N ASP A 300 -15.37 -13.15 20.73
CA ASP A 300 -16.79 -13.08 20.41
C ASP A 300 -17.20 -11.61 20.39
N GLU A 301 -16.69 -10.84 21.34
CA GLU A 301 -16.99 -9.41 21.40
C GLU A 301 -16.44 -8.72 20.15
N LEU A 302 -15.24 -9.12 19.72
CA LEU A 302 -14.62 -8.54 18.54
C LEU A 302 -15.47 -8.80 17.29
N LEU A 303 -15.93 -10.03 17.13
CA LEU A 303 -16.76 -10.37 15.98
C LEU A 303 -18.05 -9.55 15.99
N ASP A 304 -18.60 -9.34 17.19
CA ASP A 304 -19.81 -8.54 17.31
C ASP A 304 -19.54 -7.13 16.79
N ILE A 305 -18.37 -6.61 17.15
CA ILE A 305 -17.99 -5.27 16.70
C ILE A 305 -17.97 -5.21 15.17
N PHE A 306 -17.41 -6.24 14.54
CA PHE A 306 -17.36 -6.25 13.08
C PHE A 306 -18.75 -6.41 12.45
N VAL A 307 -19.72 -6.88 13.22
CA VAL A 307 -21.07 -7.04 12.70
C VAL A 307 -21.83 -5.72 12.80
N HIS A 308 -21.56 -4.98 13.86
CA HIS A 308 -22.23 -3.71 14.13
C HIS A 308 -21.51 -2.45 13.66
N ASP A 309 -20.20 -2.43 13.77
CA ASP A 309 -19.43 -1.25 13.35
C ASP A 309 -17.97 -1.63 13.15
N PRO A 310 -17.69 -2.34 12.05
CA PRO A 310 -16.36 -2.82 11.67
C PRO A 310 -15.35 -1.72 11.33
N PRO A 311 -14.12 -1.85 11.84
CA PRO A 311 -13.06 -0.87 11.58
C PRO A 311 -12.43 -1.16 10.22
N PRO A 312 -11.90 -0.13 9.54
CA PRO A 312 -11.26 -0.26 8.22
C PRO A 312 -10.00 -1.12 8.23
N PRO A 313 -9.73 -1.81 7.11
CA PRO A 313 -8.55 -2.66 7.02
C PRO A 313 -7.27 -1.82 6.92
N ALA A 314 -6.14 -2.42 7.27
CA ALA A 314 -4.87 -1.72 7.22
C ALA A 314 -3.77 -2.62 6.67
N SER A 315 -2.62 -2.03 6.34
CA SER A 315 -1.50 -2.78 5.80
C SER A 315 -0.18 -2.23 6.33
N ALA A 316 0.52 -3.03 7.13
CA ALA A 316 1.80 -2.63 7.70
C ALA A 316 2.77 -2.20 6.61
N ALA A 317 3.72 -1.34 6.97
CA ALA A 317 4.73 -0.86 6.03
C ALA A 317 5.96 -1.74 6.08
N PHE A 318 6.51 -2.05 4.91
CA PHE A 318 7.70 -2.88 4.82
C PHE A 318 8.77 -2.25 3.92
N GLY B 9 -6.38 30.79 -26.08
CA GLY B 9 -7.00 31.36 -27.31
C GLY B 9 -8.20 30.55 -27.77
N MET B 10 -7.98 29.68 -28.75
CA MET B 10 -9.05 28.85 -29.27
C MET B 10 -8.88 27.39 -28.85
N LYS B 11 -7.89 27.15 -28.01
CA LYS B 11 -7.59 25.83 -27.48
C LYS B 11 -8.80 25.20 -26.80
N SER B 12 -9.00 23.91 -27.03
CA SER B 12 -10.11 23.18 -26.42
C SER B 12 -9.92 23.14 -24.90
N LYS B 13 -11.02 23.28 -24.16
CA LYS B 13 -10.96 23.25 -22.70
C LYS B 13 -11.01 21.80 -22.24
N ILE B 14 -10.10 21.44 -21.35
CA ILE B 14 -10.00 20.06 -20.91
C ILE B 14 -10.34 19.83 -19.43
N LEU B 15 -11.21 18.85 -19.20
CA LEU B 15 -11.63 18.46 -17.86
C LEU B 15 -11.03 17.08 -17.58
N ILE B 16 -10.26 16.98 -16.50
CA ILE B 16 -9.61 15.72 -16.16
C ILE B 16 -10.09 15.16 -14.82
N PHE B 17 -10.55 13.92 -14.83
CA PHE B 17 -11.01 13.26 -13.60
C PHE B 17 -9.82 12.41 -13.14
N GLY B 18 -9.53 12.43 -11.84
CA GLY B 18 -8.39 11.66 -11.34
C GLY B 18 -7.09 12.36 -11.68
N GLY B 19 -7.14 13.66 -11.89
CA GLY B 19 -5.97 14.43 -12.24
C GLY B 19 -4.81 14.36 -11.26
N THR B 20 -5.11 14.09 -9.99
CA THR B 20 -4.08 14.00 -8.95
C THR B 20 -3.45 12.62 -8.88
N GLY B 21 -3.96 11.70 -9.71
CA GLY B 21 -3.46 10.34 -9.72
C GLY B 21 -2.05 10.12 -10.26
N TYR B 22 -1.59 8.88 -10.21
CA TYR B 22 -0.26 8.53 -10.66
C TYR B 22 -0.02 8.95 -12.11
N ILE B 23 -0.93 8.57 -13.01
CA ILE B 23 -0.76 8.95 -14.40
C ILE B 23 -1.51 10.26 -14.67
N GLY B 24 -2.56 10.48 -13.90
CA GLY B 24 -3.35 11.68 -14.06
C GLY B 24 -2.59 13.00 -13.93
N ASN B 25 -1.63 13.08 -13.00
CA ASN B 25 -0.88 14.32 -12.82
C ASN B 25 -0.08 14.68 -14.08
N HIS B 26 0.39 13.66 -14.79
CA HIS B 26 1.16 13.87 -16.01
C HIS B 26 0.26 14.37 -17.14
N MET B 27 -1.03 14.05 -17.05
CA MET B 27 -1.98 14.49 -18.05
C MET B 27 -2.33 15.96 -17.78
N VAL B 28 -2.46 16.31 -16.52
CA VAL B 28 -2.76 17.69 -16.13
C VAL B 28 -1.60 18.60 -16.52
N LYS B 29 -0.39 18.16 -16.22
CA LYS B 29 0.80 18.94 -16.55
C LYS B 29 0.97 19.07 -18.06
N GLY B 30 0.72 17.99 -18.79
CA GLY B 30 0.85 18.04 -20.23
C GLY B 30 -0.19 18.95 -20.86
N SER B 31 -1.36 19.00 -20.25
CA SER B 31 -2.44 19.85 -20.78
C SER B 31 -2.09 21.32 -20.60
N LEU B 32 -1.53 21.65 -19.45
CA LEU B 32 -1.15 23.04 -19.18
C LEU B 32 0.06 23.45 -20.03
N LYS B 33 0.99 22.53 -20.24
CA LYS B 33 2.18 22.81 -21.04
C LYS B 33 1.79 23.12 -22.48
N LEU B 34 0.73 22.47 -22.94
CA LEU B 34 0.26 22.67 -24.31
C LEU B 34 -0.69 23.86 -24.42
N GLY B 35 -0.84 24.58 -23.31
CA GLY B 35 -1.69 25.77 -23.29
C GLY B 35 -3.19 25.60 -23.26
N HIS B 36 -3.65 24.42 -22.87
CA HIS B 36 -5.09 24.16 -22.79
C HIS B 36 -5.66 24.60 -21.45
N PRO B 37 -6.84 25.26 -21.46
CA PRO B 37 -7.41 25.65 -20.17
C PRO B 37 -7.67 24.28 -19.55
N THR B 38 -7.27 24.08 -18.30
CA THR B 38 -7.41 22.78 -17.67
C THR B 38 -8.19 22.75 -16.35
N TYR B 39 -9.25 21.94 -16.33
CA TYR B 39 -10.09 21.78 -15.16
C TYR B 39 -9.76 20.45 -14.49
N VAL B 40 -9.58 20.47 -13.17
CA VAL B 40 -9.26 19.26 -12.43
C VAL B 40 -10.29 18.99 -11.35
N PHE B 41 -11.01 17.88 -11.52
CA PHE B 41 -12.03 17.49 -10.56
C PHE B 41 -11.34 16.66 -9.47
N THR B 42 -11.60 16.99 -8.22
CA THR B 42 -10.95 16.30 -7.12
C THR B 42 -11.87 16.26 -5.89
N ARG B 43 -11.74 15.21 -5.09
CA ARG B 43 -12.55 15.05 -3.89
C ARG B 43 -12.22 16.11 -2.84
N PRO B 44 -13.21 16.52 -2.05
CA PRO B 44 -12.98 17.53 -1.01
C PRO B 44 -12.01 17.05 0.07
N ASN B 45 -11.98 15.73 0.30
CA ASN B 45 -11.11 15.16 1.33
C ASN B 45 -9.79 14.58 0.81
N SER B 46 -9.44 14.89 -0.44
CA SER B 46 -8.21 14.39 -1.01
C SER B 46 -7.00 14.86 -0.22
N SER B 47 -5.98 14.03 -0.14
CA SER B 47 -4.77 14.38 0.59
C SER B 47 -3.74 14.97 -0.38
N LYS B 48 -4.13 15.10 -1.64
CA LYS B 48 -3.28 15.64 -2.68
C LYS B 48 -3.26 17.17 -2.65
N THR B 49 -3.26 17.75 -1.45
CA THR B 49 -3.27 19.20 -1.29
C THR B 49 -2.07 19.94 -1.89
N THR B 50 -0.87 19.41 -1.68
CA THR B 50 0.32 20.07 -2.21
C THR B 50 0.42 19.90 -3.73
N LEU B 51 -0.10 18.78 -4.24
CA LEU B 51 -0.08 18.55 -5.68
C LEU B 51 -1.09 19.50 -6.31
N LEU B 52 -2.21 19.70 -5.63
CA LEU B 52 -3.26 20.59 -6.12
C LEU B 52 -2.77 22.03 -6.19
N ASP B 53 -1.98 22.43 -5.19
CA ASP B 53 -1.45 23.79 -5.17
C ASP B 53 -0.49 23.96 -6.36
N GLU B 54 0.24 22.89 -6.66
CA GLU B 54 1.18 22.92 -7.78
C GLU B 54 0.40 23.08 -9.09
N PHE B 55 -0.71 22.35 -9.21
CA PHE B 55 -1.54 22.45 -10.41
C PHE B 55 -2.03 23.88 -10.55
N GLN B 56 -2.47 24.46 -9.44
CA GLN B 56 -2.99 25.81 -9.42
C GLN B 56 -1.94 26.84 -9.83
N SER B 57 -0.73 26.68 -9.33
CA SER B 57 0.35 27.60 -9.66
C SER B 57 0.69 27.48 -11.15
N LEU B 58 0.37 26.35 -11.74
CA LEU B 58 0.64 26.11 -13.16
C LEU B 58 -0.48 26.61 -14.05
N GLY B 59 -1.61 27.00 -13.45
CA GLY B 59 -2.72 27.51 -14.23
C GLY B 59 -4.01 26.72 -14.23
N ALA B 60 -4.01 25.54 -13.62
CA ALA B 60 -5.21 24.70 -13.59
C ALA B 60 -6.33 25.27 -12.73
N ILE B 61 -7.56 24.92 -13.09
CA ILE B 61 -8.74 25.35 -12.35
C ILE B 61 -9.19 24.13 -11.56
N ILE B 62 -9.15 24.25 -10.24
CA ILE B 62 -9.52 23.16 -9.36
C ILE B 62 -11.01 23.20 -9.03
N VAL B 63 -11.65 22.04 -9.15
CA VAL B 63 -13.06 21.91 -8.85
C VAL B 63 -13.21 20.75 -7.87
N LYS B 64 -13.62 21.06 -6.64
CA LYS B 64 -13.81 20.04 -5.63
C LYS B 64 -15.22 19.48 -5.65
N GLY B 65 -15.35 18.17 -5.51
CA GLY B 65 -16.66 17.56 -5.53
C GLY B 65 -16.60 16.04 -5.62
N GLU B 66 -17.76 15.40 -5.53
CA GLU B 66 -17.85 13.95 -5.60
C GLU B 66 -18.53 13.55 -6.91
N LEU B 67 -18.25 12.35 -7.40
CA LEU B 67 -18.85 11.88 -8.63
C LEU B 67 -20.37 11.74 -8.50
N ASP B 68 -20.84 11.62 -7.26
CA ASP B 68 -22.25 11.48 -6.98
C ASP B 68 -23.03 12.78 -7.17
N GLU B 69 -22.33 13.89 -7.34
CA GLU B 69 -22.99 15.17 -7.53
C GLU B 69 -23.33 15.37 -9.01
N HIS B 70 -24.35 14.65 -9.48
CA HIS B 70 -24.79 14.70 -10.86
C HIS B 70 -24.96 16.10 -11.43
N GLU B 71 -25.75 16.92 -10.76
CA GLU B 71 -25.99 18.28 -11.23
C GLU B 71 -24.70 19.08 -11.39
N LYS B 72 -23.80 18.96 -10.44
CA LYS B 72 -22.52 19.67 -10.51
C LYS B 72 -21.75 19.23 -11.76
N LEU B 73 -21.68 17.91 -11.98
CA LEU B 73 -20.96 17.38 -13.14
C LEU B 73 -21.54 17.90 -14.44
N VAL B 74 -22.85 17.91 -14.56
CA VAL B 74 -23.51 18.39 -15.77
C VAL B 74 -23.15 19.85 -16.03
N GLU B 75 -23.29 20.69 -15.01
CA GLU B 75 -22.98 22.10 -15.18
C GLU B 75 -21.51 22.32 -15.52
N LEU B 76 -20.67 21.42 -15.04
CA LEU B 76 -19.24 21.51 -15.34
C LEU B 76 -19.01 21.07 -16.79
N MET B 77 -19.66 19.98 -17.18
CA MET B 77 -19.52 19.47 -18.54
C MET B 77 -19.79 20.57 -19.57
N LYS B 78 -20.81 21.39 -19.30
CA LYS B 78 -21.19 22.46 -20.19
C LYS B 78 -20.10 23.49 -20.45
N LYS B 79 -19.13 23.57 -19.55
CA LYS B 79 -18.06 24.56 -19.70
C LYS B 79 -16.81 24.04 -20.40
N VAL B 80 -16.76 22.76 -20.73
CA VAL B 80 -15.57 22.23 -21.39
C VAL B 80 -15.84 21.55 -22.72
N ASP B 81 -14.79 21.10 -23.39
CA ASP B 81 -14.90 20.45 -24.69
C ASP B 81 -14.43 18.99 -24.66
N VAL B 82 -13.38 18.73 -23.89
CA VAL B 82 -12.81 17.39 -23.81
C VAL B 82 -12.79 16.87 -22.37
N VAL B 83 -13.12 15.59 -22.21
CA VAL B 83 -13.14 14.97 -20.90
C VAL B 83 -12.24 13.75 -20.88
N ILE B 84 -11.29 13.73 -19.96
CA ILE B 84 -10.38 12.61 -19.84
C ILE B 84 -10.52 12.01 -18.44
N SER B 85 -10.65 10.71 -18.36
CA SER B 85 -10.76 10.04 -17.05
C SER B 85 -9.53 9.21 -16.79
N ALA B 86 -8.87 9.47 -15.65
CA ALA B 86 -7.68 8.73 -15.24
C ALA B 86 -7.95 8.09 -13.88
N LEU B 87 -9.20 7.72 -13.62
CA LEU B 87 -9.58 7.11 -12.35
C LEU B 87 -8.98 5.72 -12.21
N ALA B 88 -8.88 5.25 -10.97
CA ALA B 88 -8.31 3.93 -10.68
C ALA B 88 -9.30 2.79 -10.85
N PHE B 89 -8.77 1.57 -10.86
CA PHE B 89 -9.55 0.35 -11.02
C PHE B 89 -10.85 0.25 -10.21
N PRO B 90 -10.78 0.54 -8.90
CA PRO B 90 -11.98 0.47 -8.05
C PRO B 90 -13.15 1.35 -8.50
N GLN B 91 -12.84 2.37 -9.32
CA GLN B 91 -13.84 3.30 -9.80
C GLN B 91 -14.19 3.16 -11.28
N ILE B 92 -13.85 2.03 -11.90
CA ILE B 92 -14.14 1.87 -13.32
C ILE B 92 -15.61 2.08 -13.67
N LEU B 93 -16.50 1.35 -13.00
CA LEU B 93 -17.91 1.52 -13.32
C LEU B 93 -18.44 2.86 -12.80
N ASP B 94 -17.69 3.49 -11.89
CA ASP B 94 -18.14 4.80 -11.41
C ASP B 94 -18.07 5.79 -12.57
N GLN B 95 -17.39 5.40 -13.64
CA GLN B 95 -17.30 6.26 -14.79
C GLN B 95 -18.65 6.43 -15.47
N PHE B 96 -19.63 5.62 -15.07
CA PHE B 96 -20.97 5.76 -15.64
C PHE B 96 -21.61 7.04 -15.14
N LYS B 97 -21.08 7.59 -14.05
CA LYS B 97 -21.60 8.85 -13.51
C LYS B 97 -21.05 9.96 -14.39
N ILE B 98 -19.82 9.81 -14.85
CA ILE B 98 -19.23 10.81 -15.71
C ILE B 98 -19.95 10.76 -17.05
N LEU B 99 -20.17 9.56 -17.56
CA LEU B 99 -20.85 9.37 -18.85
C LEU B 99 -22.28 9.91 -18.85
N GLU B 100 -22.99 9.73 -17.74
CA GLU B 100 -24.36 10.23 -17.67
C GLU B 100 -24.37 11.75 -17.79
N ALA B 101 -23.43 12.41 -17.13
CA ALA B 101 -23.34 13.87 -17.18
C ALA B 101 -22.98 14.35 -18.58
N ILE B 102 -22.12 13.61 -19.27
CA ILE B 102 -21.70 13.94 -20.64
C ILE B 102 -22.92 13.85 -21.57
N LYS B 103 -23.71 12.80 -21.39
CA LYS B 103 -24.91 12.58 -22.19
C LYS B 103 -25.92 13.70 -22.01
N VAL B 104 -26.09 14.14 -20.76
CA VAL B 104 -27.01 15.21 -20.45
C VAL B 104 -26.52 16.57 -20.96
N ALA B 105 -25.25 16.86 -20.78
CA ALA B 105 -24.71 18.15 -21.24
C ALA B 105 -24.78 18.22 -22.76
N GLY B 106 -24.39 17.14 -23.42
CA GLY B 106 -24.45 17.08 -24.89
C GLY B 106 -23.44 17.85 -25.72
N ASN B 107 -22.53 18.60 -25.09
CA ASN B 107 -21.56 19.41 -25.84
C ASN B 107 -20.14 18.87 -25.90
N ILE B 108 -19.87 17.74 -25.26
CA ILE B 108 -18.51 17.20 -25.25
C ILE B 108 -18.05 16.72 -26.63
N LYS B 109 -16.82 17.11 -26.98
CA LYS B 109 -16.24 16.78 -28.28
C LYS B 109 -15.40 15.50 -28.30
N ARG B 110 -14.99 15.05 -27.12
CA ARG B 110 -14.16 13.85 -27.06
C ARG B 110 -14.10 13.36 -25.61
N PHE B 111 -14.25 12.06 -25.43
CA PHE B 111 -14.17 11.46 -24.11
C PHE B 111 -13.15 10.33 -24.16
N LEU B 112 -12.18 10.36 -23.24
CA LEU B 112 -11.17 9.32 -23.15
C LEU B 112 -11.37 8.64 -21.80
N PRO B 113 -11.93 7.42 -21.80
CA PRO B 113 -12.15 6.70 -20.53
C PRO B 113 -10.82 6.23 -19.95
N SER B 114 -10.84 5.81 -18.69
CA SER B 114 -9.62 5.38 -18.03
C SER B 114 -9.15 3.99 -18.43
N ASP B 115 -8.30 3.95 -19.47
CA ASP B 115 -7.74 2.69 -19.93
C ASP B 115 -6.24 2.77 -19.63
N PHE B 116 -5.51 3.41 -20.53
CA PHE B 116 -4.07 3.61 -20.40
C PHE B 116 -3.28 2.37 -19.95
N GLY B 117 -3.57 1.25 -20.63
CA GLY B 117 -2.89 0.01 -20.31
C GLY B 117 -2.92 -0.93 -21.49
N VAL B 118 -3.42 -2.14 -21.28
CA VAL B 118 -3.51 -3.11 -22.35
C VAL B 118 -4.70 -2.76 -23.22
N GLU B 119 -4.77 -3.35 -24.41
CA GLU B 119 -5.87 -3.10 -25.32
C GLU B 119 -6.87 -4.22 -24.98
N GLU B 120 -7.80 -3.93 -24.08
CA GLU B 120 -8.78 -4.90 -23.62
C GLU B 120 -9.70 -5.54 -24.64
N ASP B 121 -9.93 -4.89 -25.78
CA ASP B 121 -10.82 -5.48 -26.78
C ASP B 121 -10.14 -6.51 -27.69
N ARG B 122 -8.85 -6.74 -27.50
CA ARG B 122 -8.16 -7.73 -28.34
C ARG B 122 -7.35 -8.74 -27.53
N ILE B 123 -7.46 -8.68 -26.21
CA ILE B 123 -6.72 -9.63 -25.38
C ILE B 123 -7.56 -10.12 -24.20
N ASN B 124 -7.21 -11.30 -23.70
CA ASN B 124 -7.91 -11.87 -22.55
C ASN B 124 -6.88 -12.21 -21.49
N ALA B 125 -7.30 -12.19 -20.24
CA ALA B 125 -6.39 -12.48 -19.14
C ALA B 125 -7.00 -13.46 -18.16
N LEU B 126 -6.31 -13.70 -17.06
CA LEU B 126 -6.81 -14.60 -16.04
C LEU B 126 -7.94 -13.89 -15.31
N PRO B 127 -8.92 -14.67 -14.80
CA PRO B 127 -10.08 -14.16 -14.09
C PRO B 127 -9.89 -12.90 -13.23
N PRO B 128 -8.85 -12.88 -12.38
CA PRO B 128 -8.64 -11.69 -11.55
C PRO B 128 -8.52 -10.39 -12.34
N PHE B 129 -7.84 -10.46 -13.48
CA PHE B 129 -7.66 -9.29 -14.34
C PHE B 129 -8.77 -9.16 -15.37
N GLU B 130 -9.23 -10.29 -15.90
CA GLU B 130 -10.29 -10.32 -16.89
C GLU B 130 -11.54 -9.58 -16.40
N ALA B 131 -11.83 -9.71 -15.10
CA ALA B 131 -13.00 -9.06 -14.52
C ALA B 131 -12.89 -7.54 -14.57
N LEU B 132 -11.68 -7.04 -14.33
CA LEU B 132 -11.46 -5.59 -14.35
C LEU B 132 -11.49 -5.01 -15.75
N ILE B 133 -10.85 -5.68 -16.71
CA ILE B 133 -10.88 -5.15 -18.07
C ILE B 133 -12.24 -5.37 -18.72
N GLU B 134 -13.01 -6.29 -18.18
CA GLU B 134 -14.36 -6.52 -18.72
C GLU B 134 -15.19 -5.28 -18.35
N ARG B 135 -14.93 -4.71 -17.18
CA ARG B 135 -15.63 -3.51 -16.76
C ARG B 135 -15.25 -2.40 -17.71
N GLN B 136 -13.98 -2.32 -18.06
CA GLN B 136 -13.53 -1.28 -18.96
C GLN B 136 -14.21 -1.43 -20.32
N ARG B 137 -14.45 -2.68 -20.73
CA ARG B 137 -15.14 -2.94 -21.98
C ARG B 137 -16.58 -2.46 -21.88
N MET B 138 -17.19 -2.61 -20.71
CA MET B 138 -18.57 -2.17 -20.52
C MET B 138 -18.69 -0.66 -20.78
N ILE B 139 -17.71 0.11 -20.28
CA ILE B 139 -17.69 1.55 -20.46
C ILE B 139 -17.57 1.83 -21.96
N ARG B 140 -16.68 1.12 -22.64
CA ARG B 140 -16.50 1.33 -24.08
C ARG B 140 -17.78 1.05 -24.86
N ARG B 141 -18.49 0.00 -24.46
CA ARG B 141 -19.73 -0.35 -25.16
C ARG B 141 -20.81 0.72 -24.98
N ALA B 142 -20.87 1.32 -23.79
CA ALA B 142 -21.86 2.36 -23.52
C ALA B 142 -21.57 3.63 -24.33
N ILE B 143 -20.28 3.98 -24.42
CA ILE B 143 -19.83 5.14 -25.18
C ILE B 143 -20.28 5.03 -26.64
N GLU B 144 -20.02 3.88 -27.23
CA GLU B 144 -20.36 3.64 -28.64
C GLU B 144 -21.86 3.59 -28.88
N GLU B 145 -22.58 3.00 -27.93
CA GLU B 145 -24.03 2.90 -28.00
C GLU B 145 -24.67 4.29 -28.01
N ALA B 146 -24.07 5.21 -27.26
CA ALA B 146 -24.58 6.58 -27.17
C ALA B 146 -24.00 7.52 -28.22
N ASN B 147 -23.13 6.99 -29.08
CA ASN B 147 -22.51 7.79 -30.13
C ASN B 147 -21.67 8.94 -29.59
N ILE B 148 -21.05 8.74 -28.43
CA ILE B 148 -20.20 9.76 -27.83
C ILE B 148 -18.84 9.72 -28.52
N PRO B 149 -18.30 10.88 -28.94
CA PRO B 149 -16.99 10.91 -29.61
C PRO B 149 -15.93 10.47 -28.62
N TYR B 150 -15.06 9.56 -29.05
CA TYR B 150 -14.05 9.02 -28.16
C TYR B 150 -12.68 8.73 -28.77
N THR B 151 -11.79 8.33 -27.90
CA THR B 151 -10.46 7.90 -28.26
C THR B 151 -10.12 6.92 -27.15
N TYR B 152 -9.73 5.70 -27.53
CA TYR B 152 -9.36 4.68 -26.55
C TYR B 152 -7.83 4.61 -26.57
N VAL B 153 -7.21 4.88 -25.43
CA VAL B 153 -5.76 4.87 -25.37
C VAL B 153 -5.16 3.64 -24.70
N SER B 154 -4.29 2.94 -25.43
CA SER B 154 -3.58 1.78 -24.89
C SER B 154 -2.16 2.32 -24.73
N ALA B 155 -1.80 2.68 -23.51
CA ALA B 155 -0.49 3.25 -23.25
C ALA B 155 0.58 2.20 -22.96
N ASN B 156 0.15 0.94 -22.88
CA ASN B 156 1.04 -0.17 -22.56
C ASN B 156 1.64 0.02 -21.15
N CYS B 157 2.86 -0.46 -20.90
CA CYS B 157 3.43 -0.36 -19.55
C CYS B 157 4.01 0.99 -19.11
N PHE B 158 3.64 1.44 -17.92
CA PHE B 158 4.19 2.70 -17.39
C PHE B 158 5.63 2.33 -17.03
N ALA B 159 6.58 2.97 -17.71
CA ALA B 159 8.00 2.68 -17.56
C ALA B 159 8.67 2.90 -16.21
N SER B 160 8.48 4.07 -15.60
CA SER B 160 9.10 4.32 -14.31
C SER B 160 8.54 3.32 -13.30
N TYR B 161 7.22 3.11 -13.39
CA TYR B 161 6.52 2.21 -12.51
C TYR B 161 7.12 0.81 -12.62
N PHE B 162 7.27 0.32 -13.84
CA PHE B 162 7.80 -1.02 -14.01
C PHE B 162 9.29 -1.19 -13.92
N ILE B 163 10.06 -0.14 -14.20
CA ILE B 163 11.50 -0.25 -14.04
C ILE B 163 11.71 -0.39 -12.52
N ASN B 164 10.92 0.33 -11.74
CA ASN B 164 11.02 0.24 -10.27
C ASN B 164 10.57 -1.14 -9.81
N TYR B 165 9.47 -1.61 -10.36
CA TYR B 165 8.92 -2.90 -9.98
C TYR B 165 9.81 -4.11 -10.36
N LEU B 166 10.36 -4.07 -11.58
CA LEU B 166 11.19 -5.17 -12.06
C LEU B 166 12.66 -5.11 -11.63
N LEU B 167 13.26 -3.93 -11.66
CA LEU B 167 14.67 -3.80 -11.30
C LEU B 167 14.94 -3.38 -9.86
N ARG B 168 13.92 -2.85 -9.18
CA ARG B 168 14.07 -2.41 -7.79
C ARG B 168 15.41 -1.68 -7.63
N PRO B 169 15.68 -0.68 -8.48
CA PRO B 169 16.93 0.09 -8.44
C PRO B 169 17.32 0.65 -7.08
N TYR B 170 16.35 0.81 -6.20
CA TYR B 170 16.58 1.33 -4.86
C TYR B 170 16.87 0.19 -3.88
N ASP B 171 17.18 -0.99 -4.43
CA ASP B 171 17.48 -2.16 -3.62
C ASP B 171 18.87 -2.68 -3.96
N PRO B 172 19.78 -2.68 -2.99
CA PRO B 172 21.15 -3.16 -3.21
C PRO B 172 21.31 -4.68 -3.26
N LYS B 173 20.21 -5.39 -3.41
CA LYS B 173 20.25 -6.86 -3.45
C LYS B 173 21.07 -7.42 -4.61
N ASP B 174 21.50 -8.68 -4.49
CA ASP B 174 22.30 -9.34 -5.51
C ASP B 174 21.48 -10.24 -6.44
N GLU B 175 20.20 -10.40 -6.13
CA GLU B 175 19.31 -11.22 -6.94
C GLU B 175 18.19 -10.39 -7.53
N ILE B 176 17.62 -10.86 -8.63
CA ILE B 176 16.50 -10.19 -9.28
C ILE B 176 15.49 -11.25 -9.66
N THR B 177 14.22 -10.93 -9.45
CA THR B 177 13.14 -11.86 -9.78
C THR B 177 12.68 -11.70 -11.23
N VAL B 178 12.54 -12.82 -11.92
CA VAL B 178 12.09 -12.86 -13.30
C VAL B 178 10.80 -13.67 -13.29
N TYR B 179 9.77 -13.15 -13.94
CA TYR B 179 8.49 -13.81 -14.00
C TYR B 179 8.40 -14.67 -15.26
N GLY B 180 8.25 -15.98 -15.06
CA GLY B 180 8.19 -16.88 -16.18
C GLY B 180 9.59 -17.07 -16.75
N THR B 181 9.68 -17.29 -18.05
CA THR B 181 10.98 -17.48 -18.69
C THR B 181 11.68 -16.14 -18.82
N GLY B 182 10.90 -15.06 -18.85
CA GLY B 182 11.46 -13.73 -18.99
C GLY B 182 11.70 -13.36 -20.45
N GLU B 183 11.26 -14.23 -21.36
CA GLU B 183 11.44 -14.03 -22.80
C GLU B 183 10.30 -13.28 -23.49
N ALA B 184 9.19 -13.07 -22.78
CA ALA B 184 8.04 -12.38 -23.35
C ALA B 184 8.39 -10.92 -23.61
N LYS B 185 7.96 -10.40 -24.74
CA LYS B 185 8.23 -9.00 -25.07
C LYS B 185 7.11 -8.11 -24.56
N PHE B 186 7.46 -6.87 -24.24
CA PHE B 186 6.49 -5.90 -23.77
C PHE B 186 7.00 -4.50 -24.11
N ALA B 187 6.10 -3.53 -24.15
CA ALA B 187 6.49 -2.17 -24.46
C ALA B 187 6.20 -1.31 -23.24
N MET B 188 7.11 -0.41 -22.90
CA MET B 188 6.88 0.46 -21.77
C MET B 188 7.20 1.89 -22.16
N ASN B 189 6.40 2.83 -21.66
CA ASN B 189 6.59 4.21 -21.99
C ASN B 189 6.69 5.12 -20.76
N TYR B 190 7.55 6.13 -20.85
CA TYR B 190 7.75 7.07 -19.76
C TYR B 190 6.45 7.81 -19.49
N GLU B 191 6.07 7.86 -18.21
CA GLU B 191 4.83 8.52 -17.78
C GLU B 191 4.63 9.94 -18.26
N GLN B 192 5.69 10.74 -18.21
CA GLN B 192 5.60 12.13 -18.67
C GLN B 192 5.16 12.18 -20.13
N ASP B 193 5.68 11.27 -20.95
CA ASP B 193 5.34 11.22 -22.38
C ASP B 193 3.91 10.71 -22.57
N ILE B 194 3.55 9.68 -21.81
CA ILE B 194 2.21 9.13 -21.89
C ILE B 194 1.20 10.26 -21.67
N GLY B 195 1.49 11.12 -20.70
CA GLY B 195 0.62 12.23 -20.41
C GLY B 195 0.56 13.27 -21.52
N LEU B 196 1.72 13.64 -22.05
CA LEU B 196 1.79 14.64 -23.12
C LEU B 196 1.04 14.15 -24.37
N TYR B 197 1.39 12.95 -24.82
CA TYR B 197 0.77 12.36 -26.00
C TYR B 197 -0.74 12.19 -25.84
N THR B 198 -1.18 11.86 -24.62
CA THR B 198 -2.61 11.69 -24.40
C THR B 198 -3.35 13.00 -24.69
N ILE B 199 -2.77 14.12 -24.26
CA ILE B 199 -3.43 15.39 -24.50
C ILE B 199 -3.44 15.69 -26.00
N LYS B 200 -2.31 15.44 -26.66
CA LYS B 200 -2.19 15.68 -28.10
C LYS B 200 -3.25 14.91 -28.88
N VAL B 201 -3.35 13.60 -28.66
CA VAL B 201 -4.35 12.84 -29.40
C VAL B 201 -5.78 13.18 -29.03
N ALA B 202 -6.02 13.62 -27.80
CA ALA B 202 -7.40 13.96 -27.38
C ALA B 202 -8.02 15.06 -28.26
N THR B 203 -7.18 15.75 -29.03
CA THR B 203 -7.68 16.81 -29.89
C THR B 203 -7.28 16.63 -31.35
N ASP B 204 -6.55 15.56 -31.65
CA ASP B 204 -6.11 15.25 -33.01
C ASP B 204 -7.24 14.56 -33.78
N PRO B 205 -7.72 15.16 -34.88
CA PRO B 205 -8.80 14.54 -35.64
C PRO B 205 -8.42 13.12 -36.06
N ARG B 206 -7.12 12.87 -36.19
CA ARG B 206 -6.65 11.56 -36.59
C ARG B 206 -6.93 10.48 -35.54
N ALA B 207 -7.28 10.89 -34.33
CA ALA B 207 -7.55 9.94 -33.27
C ALA B 207 -9.04 9.89 -32.90
N LEU B 208 -9.87 10.61 -33.65
CA LEU B 208 -11.31 10.63 -33.36
C LEU B 208 -11.95 9.27 -33.59
N ASN B 209 -12.62 8.76 -32.54
CA ASN B 209 -13.29 7.46 -32.56
C ASN B 209 -12.38 6.32 -32.98
N ARG B 210 -11.14 6.35 -32.49
CA ARG B 210 -10.19 5.32 -32.83
C ARG B 210 -9.41 4.85 -31.60
N VAL B 211 -8.77 3.69 -31.76
CA VAL B 211 -7.92 3.14 -30.71
C VAL B 211 -6.53 3.67 -31.05
N VAL B 212 -5.86 4.24 -30.07
CA VAL B 212 -4.50 4.76 -30.25
C VAL B 212 -3.60 3.95 -29.32
N ILE B 213 -2.54 3.38 -29.88
CA ILE B 213 -1.61 2.55 -29.12
C ILE B 213 -0.23 3.20 -29.05
N TYR B 214 0.35 3.25 -27.85
CA TYR B 214 1.68 3.85 -27.66
C TYR B 214 2.70 2.72 -27.74
N ARG B 215 3.34 2.56 -28.91
CA ARG B 215 4.32 1.49 -29.06
C ARG B 215 5.54 1.92 -29.87
N PRO B 216 6.34 2.85 -29.33
CA PRO B 216 7.52 3.27 -30.09
C PRO B 216 8.49 2.09 -30.24
N SER B 217 9.11 1.96 -31.42
CA SER B 217 10.02 0.84 -31.70
C SER B 217 11.23 0.77 -30.76
N THR B 218 11.57 1.89 -30.16
CA THR B 218 12.71 1.95 -29.24
C THR B 218 12.37 1.53 -27.82
N ASN B 219 11.10 1.26 -27.56
CA ASN B 219 10.65 0.91 -26.21
C ASN B 219 10.07 -0.49 -26.06
N ILE B 220 10.56 -1.42 -26.86
CA ILE B 220 10.11 -2.81 -26.83
C ILE B 220 11.25 -3.66 -26.29
N ILE B 221 10.98 -4.48 -25.29
CA ILE B 221 12.04 -5.28 -24.68
C ILE B 221 11.47 -6.45 -23.89
N THR B 222 12.34 -7.30 -23.38
CA THR B 222 11.94 -8.44 -22.56
C THR B 222 12.56 -8.22 -21.19
N GLN B 223 12.10 -8.97 -20.19
CA GLN B 223 12.65 -8.83 -18.84
C GLN B 223 14.14 -9.08 -18.81
N LEU B 224 14.58 -10.13 -19.49
CA LEU B 224 16.00 -10.47 -19.53
C LEU B 224 16.85 -9.39 -20.20
N GLU B 225 16.37 -8.85 -21.33
CA GLU B 225 17.11 -7.81 -22.02
C GLU B 225 17.19 -6.56 -21.14
N LEU B 226 16.10 -6.26 -20.44
CA LEU B 226 16.08 -5.09 -19.56
C LEU B 226 17.11 -5.25 -18.47
N ILE B 227 17.16 -6.44 -17.88
CA ILE B 227 18.12 -6.71 -16.81
C ILE B 227 19.55 -6.57 -17.35
N SER B 228 19.80 -7.15 -18.52
CA SER B 228 21.11 -7.07 -19.15
C SER B 228 21.58 -5.63 -19.34
N ARG B 229 20.74 -4.81 -19.94
CA ARG B 229 21.09 -3.42 -20.18
C ARG B 229 21.32 -2.65 -18.88
N TRP B 230 20.53 -2.94 -17.86
CA TRP B 230 20.69 -2.28 -16.57
C TRP B 230 22.02 -2.70 -15.95
N GLU B 231 22.38 -3.97 -16.10
CA GLU B 231 23.63 -4.49 -15.57
C GLU B 231 24.82 -3.77 -16.20
N LYS B 232 24.74 -3.48 -17.49
CA LYS B 232 25.82 -2.77 -18.18
C LYS B 232 25.89 -1.32 -17.72
N LYS B 233 24.74 -0.71 -17.50
CA LYS B 233 24.68 0.68 -17.05
C LYS B 233 25.31 0.90 -15.69
N ILE B 234 25.06 0.00 -14.76
CA ILE B 234 25.57 0.18 -13.40
C ILE B 234 26.78 -0.66 -13.04
N GLY B 235 27.22 -1.51 -13.96
CA GLY B 235 28.39 -2.35 -13.73
C GLY B 235 28.26 -3.35 -12.61
N LYS B 236 27.13 -4.06 -12.57
CA LYS B 236 26.88 -5.06 -11.54
C LYS B 236 26.07 -6.20 -12.14
N LYS B 237 26.36 -7.43 -11.71
CA LYS B 237 25.64 -8.60 -12.20
C LYS B 237 24.70 -9.13 -11.12
N PHE B 238 23.53 -9.57 -11.53
CA PHE B 238 22.52 -10.09 -10.60
C PHE B 238 22.29 -11.57 -10.81
N LYS B 239 21.82 -12.25 -9.77
CA LYS B 239 21.51 -13.67 -9.90
C LYS B 239 20.03 -13.69 -10.25
N LYS B 240 19.67 -14.30 -11.38
CA LYS B 240 18.28 -14.34 -11.79
C LYS B 240 17.46 -15.49 -11.19
N ILE B 241 16.40 -15.14 -10.48
CA ILE B 241 15.53 -16.13 -9.85
C ILE B 241 14.18 -16.09 -10.54
N HIS B 242 13.83 -17.18 -11.21
CA HIS B 242 12.57 -17.28 -11.95
C HIS B 242 11.38 -17.80 -11.16
N VAL B 243 10.20 -17.26 -11.48
CA VAL B 243 8.97 -17.69 -10.86
C VAL B 243 8.24 -18.41 -11.98
N PRO B 244 8.11 -19.75 -11.88
CA PRO B 244 7.43 -20.54 -12.90
C PRO B 244 6.03 -20.03 -13.20
N GLU B 245 5.62 -20.14 -14.47
CA GLU B 245 4.29 -19.70 -14.88
C GLU B 245 3.21 -20.44 -14.10
N GLU B 246 3.30 -21.77 -14.07
CA GLU B 246 2.32 -22.57 -13.36
C GLU B 246 2.20 -22.09 -11.92
N GLU B 247 3.30 -21.57 -11.38
CA GLU B 247 3.32 -21.05 -10.03
C GLU B 247 2.45 -19.80 -9.95
N ILE B 248 2.63 -18.90 -10.91
CA ILE B 248 1.88 -17.65 -10.97
C ILE B 248 0.38 -17.91 -11.13
N VAL B 249 0.04 -18.84 -12.02
CA VAL B 249 -1.34 -19.20 -12.29
C VAL B 249 -2.03 -19.75 -11.04
N ALA B 250 -1.36 -20.66 -10.34
CA ALA B 250 -1.92 -21.24 -9.14
C ALA B 250 -2.25 -20.18 -8.10
N LEU B 251 -1.35 -19.21 -7.93
CA LEU B 251 -1.55 -18.14 -6.96
C LEU B 251 -2.81 -17.31 -7.23
N THR B 252 -3.08 -17.02 -8.50
CA THR B 252 -4.25 -16.22 -8.86
C THR B 252 -5.54 -16.92 -8.43
N LYS B 253 -5.48 -18.23 -8.27
CA LYS B 253 -6.66 -19.00 -7.89
C LYS B 253 -6.80 -19.20 -6.38
N GLU B 254 -5.68 -19.13 -5.66
CA GLU B 254 -5.73 -19.35 -4.20
C GLU B 254 -5.66 -18.12 -3.33
N LEU B 255 -4.91 -17.11 -3.76
CA LEU B 255 -4.79 -15.88 -3.02
C LEU B 255 -6.07 -15.09 -3.16
N PRO B 256 -6.51 -14.42 -2.08
CA PRO B 256 -7.75 -13.61 -2.11
C PRO B 256 -7.53 -12.31 -2.86
N GLU B 257 -8.64 -11.59 -3.09
CA GLU B 257 -8.56 -10.27 -3.75
C GLU B 257 -8.26 -9.27 -2.63
N PRO B 258 -7.55 -8.18 -2.93
CA PRO B 258 -6.95 -7.72 -4.20
C PRO B 258 -5.60 -8.36 -4.55
N GLU B 259 -4.99 -9.03 -3.58
CA GLU B 259 -3.70 -9.67 -3.75
C GLU B 259 -3.49 -10.41 -5.08
N ASN B 260 -4.49 -11.17 -5.52
CA ASN B 260 -4.34 -11.94 -6.76
C ASN B 260 -4.40 -11.14 -8.06
N ILE B 261 -4.83 -9.88 -7.99
CA ILE B 261 -4.92 -9.07 -9.21
C ILE B 261 -3.54 -8.74 -9.81
N PRO B 262 -2.59 -8.23 -9.00
CA PRO B 262 -1.27 -7.91 -9.55
C PRO B 262 -0.61 -9.15 -10.17
N ILE B 263 -0.81 -10.29 -9.50
CA ILE B 263 -0.23 -11.54 -9.97
C ILE B 263 -0.79 -11.88 -11.36
N ALA B 264 -2.10 -11.74 -11.53
CA ALA B 264 -2.73 -12.02 -12.82
C ALA B 264 -2.21 -11.07 -13.91
N ILE B 265 -1.98 -9.82 -13.53
CA ILE B 265 -1.48 -8.82 -14.48
C ILE B 265 -0.03 -9.13 -14.84
N LEU B 266 0.76 -9.56 -13.85
CA LEU B 266 2.15 -9.91 -14.11
C LEU B 266 2.17 -11.05 -15.14
N HIS B 267 1.21 -11.95 -15.05
CA HIS B 267 1.14 -13.06 -15.98
C HIS B 267 0.80 -12.54 -17.37
N CYS B 268 -0.17 -11.65 -17.43
CA CYS B 268 -0.63 -11.07 -18.67
C CYS B 268 0.47 -10.28 -19.39
N LEU B 269 1.18 -9.46 -18.63
CA LEU B 269 2.22 -8.61 -19.21
C LEU B 269 3.56 -9.27 -19.49
N PHE B 270 4.06 -10.02 -18.52
CA PHE B 270 5.38 -10.60 -18.64
C PHE B 270 5.51 -12.07 -18.99
N ILE B 271 4.38 -12.76 -19.09
CA ILE B 271 4.41 -14.17 -19.44
C ILE B 271 3.64 -14.36 -20.75
N ASP B 272 2.43 -13.82 -20.80
CA ASP B 272 1.62 -13.91 -22.02
C ASP B 272 2.07 -12.84 -23.02
N GLY B 273 2.76 -11.81 -22.52
CA GLY B 273 3.23 -10.74 -23.39
C GLY B 273 2.10 -10.03 -24.14
N ALA B 274 1.02 -9.77 -23.42
CA ALA B 274 -0.17 -9.13 -23.97
C ALA B 274 0.04 -7.80 -24.68
N THR B 275 1.06 -7.03 -24.30
CA THR B 275 1.26 -5.74 -24.94
C THR B 275 1.95 -5.85 -26.30
N MET B 276 2.46 -7.03 -26.63
CA MET B 276 3.18 -7.24 -27.88
C MET B 276 2.74 -8.51 -28.60
N SER B 277 1.63 -9.09 -28.15
CA SER B 277 1.12 -10.34 -28.72
C SER B 277 0.20 -10.15 -29.93
N TYR B 278 0.07 -8.93 -30.43
CA TYR B 278 -0.81 -8.68 -31.57
C TYR B 278 -0.21 -7.71 -32.60
N ASP B 279 -0.77 -7.74 -33.80
CA ASP B 279 -0.34 -6.84 -34.87
C ASP B 279 -1.40 -5.75 -34.98
N PHE B 280 -1.01 -4.58 -35.49
CA PHE B 280 -1.95 -3.47 -35.62
C PHE B 280 -3.07 -3.75 -36.59
N LYS B 281 -4.23 -3.16 -36.32
CA LYS B 281 -5.40 -3.33 -37.18
C LYS B 281 -5.42 -2.17 -38.17
N GLU B 282 -6.29 -2.26 -39.17
CA GLU B 282 -6.40 -1.21 -40.19
C GLU B 282 -6.64 0.17 -39.62
N ASN B 283 -7.57 0.27 -38.69
CA ASN B 283 -7.91 1.56 -38.09
C ASN B 283 -7.10 1.95 -36.87
N ASP B 284 -6.16 1.11 -36.47
CA ASP B 284 -5.32 1.43 -35.31
C ASP B 284 -4.43 2.63 -35.63
N VAL B 285 -4.07 3.37 -34.59
CA VAL B 285 -3.19 4.51 -34.74
C VAL B 285 -2.06 4.32 -33.74
N GLU B 286 -0.82 4.32 -34.23
CA GLU B 286 0.33 4.20 -33.33
C GLU B 286 0.79 5.64 -33.14
N ALA B 287 0.69 6.12 -31.90
CA ALA B 287 1.00 7.49 -31.56
C ALA B 287 2.38 8.06 -31.87
N SER B 288 3.44 7.25 -31.84
CA SER B 288 4.77 7.80 -32.11
C SER B 288 4.95 8.27 -33.54
N THR B 289 4.06 7.85 -34.43
CA THR B 289 4.15 8.24 -35.84
C THR B 289 3.38 9.53 -36.10
N LEU B 290 2.71 10.05 -35.09
CA LEU B 290 1.86 11.24 -35.23
C LEU B 290 2.47 12.64 -35.25
N TYR B 291 3.49 12.88 -34.43
CA TYR B 291 4.07 14.22 -34.33
C TYR B 291 5.58 14.26 -34.57
N PRO B 292 6.02 14.76 -35.73
CA PRO B 292 7.45 14.84 -36.03
C PRO B 292 8.26 15.72 -35.07
N GLU B 293 7.56 16.56 -34.32
CA GLU B 293 8.23 17.45 -33.38
C GLU B 293 8.41 16.82 -32.01
N LEU B 294 7.79 15.66 -31.79
CA LEU B 294 7.89 14.97 -30.50
C LEU B 294 8.36 13.53 -30.67
N LYS B 295 8.80 12.93 -29.56
CA LYS B 295 9.21 11.54 -29.55
C LYS B 295 9.13 11.00 -28.13
N PHE B 296 9.00 9.68 -28.01
CA PHE B 296 8.95 9.03 -26.70
C PHE B 296 10.37 8.84 -26.17
N THR B 297 10.55 9.10 -24.88
CA THR B 297 11.83 8.90 -24.22
C THR B 297 12.13 7.41 -24.41
N THR B 298 13.32 7.08 -24.89
CA THR B 298 13.67 5.68 -25.13
C THR B 298 14.06 4.92 -23.87
N ILE B 299 14.19 3.60 -24.00
CA ILE B 299 14.56 2.77 -22.87
C ILE B 299 15.97 3.13 -22.38
N ASP B 300 16.88 3.40 -23.30
CA ASP B 300 18.23 3.76 -22.88
C ASP B 300 18.18 5.05 -22.08
N GLU B 301 17.44 6.04 -22.59
CA GLU B 301 17.33 7.32 -21.89
C GLU B 301 16.67 7.11 -20.52
N LEU B 302 15.68 6.23 -20.46
CA LEU B 302 14.99 5.93 -19.20
C LEU B 302 15.98 5.36 -18.17
N LEU B 303 16.82 4.44 -18.61
CA LEU B 303 17.81 3.84 -17.72
C LEU B 303 18.79 4.91 -17.26
N ASP B 304 19.17 5.81 -18.16
CA ASP B 304 20.09 6.88 -17.79
C ASP B 304 19.46 7.72 -16.70
N ILE B 305 18.17 7.99 -16.83
CA ILE B 305 17.45 8.76 -15.84
C ILE B 305 17.49 8.07 -14.48
N PHE B 306 17.31 6.75 -14.46
CA PHE B 306 17.36 6.01 -13.20
C PHE B 306 18.77 5.97 -12.60
N VAL B 307 19.78 6.27 -13.39
CA VAL B 307 21.15 6.29 -12.88
C VAL B 307 21.46 7.66 -12.29
N HIS B 308 20.97 8.70 -12.93
CA HIS B 308 21.23 10.07 -12.49
C HIS B 308 20.19 10.66 -11.53
N ASP B 309 18.92 10.37 -11.76
CA ASP B 309 17.87 10.92 -10.90
C ASP B 309 16.62 10.06 -11.00
N PRO B 310 16.64 8.89 -10.37
CA PRO B 310 15.53 7.94 -10.36
C PRO B 310 14.28 8.41 -9.63
N PRO B 311 13.10 8.14 -10.21
CA PRO B 311 11.83 8.54 -9.60
C PRO B 311 11.42 7.46 -8.58
N PRO B 312 10.70 7.85 -7.51
CA PRO B 312 10.25 6.91 -6.48
C PRO B 312 9.33 5.83 -7.04
N PRO B 313 9.30 4.66 -6.38
CA PRO B 313 8.42 3.57 -6.83
C PRO B 313 6.98 3.87 -6.50
N ALA B 314 6.06 3.07 -7.03
CA ALA B 314 4.64 3.28 -6.79
C ALA B 314 3.87 1.96 -6.81
N SER B 315 2.62 2.01 -6.34
CA SER B 315 1.77 0.82 -6.31
C SER B 315 0.32 1.18 -6.64
N ALA B 316 -0.17 0.65 -7.75
CA ALA B 316 -1.54 0.89 -8.18
C ALA B 316 -2.53 0.46 -7.11
N ALA B 317 -3.72 1.07 -7.13
CA ALA B 317 -4.76 0.75 -6.16
C ALA B 317 -5.64 -0.39 -6.68
N PHE B 318 -5.98 -1.33 -5.81
CA PHE B 318 -6.81 -2.46 -6.18
C PHE B 318 -7.91 -2.69 -5.15
PA NAP C . 3.10 2.53 11.19
O1A NAP C . 3.45 2.01 9.85
O2A NAP C . 1.71 2.92 11.52
O5B NAP C . 4.14 3.70 11.47
C5B NAP C . 4.31 4.23 12.79
C4B NAP C . 4.81 5.64 12.65
O4B NAP C . 6.20 5.84 12.08
C3B NAP C . 4.12 6.57 11.66
O3B NAP C . 2.87 6.96 12.18
C2B NAP C . 5.07 7.76 11.42
O2B NAP C . 4.77 8.84 12.29
C1B NAP C . 6.44 7.18 11.70
N9A NAP C . 7.34 7.13 10.55
C8A NAP C . 7.03 6.64 9.27
N7A NAP C . 8.04 6.71 8.43
C5A NAP C . 9.03 7.27 9.16
C6A NAP C . 10.38 7.61 8.83
N6A NAP C . 10.87 7.41 7.60
N1A NAP C . 11.15 8.17 9.81
C2A NAP C . 10.65 8.38 11.06
N3A NAP C . 9.39 8.09 11.48
C4A NAP C . 8.64 7.54 10.47
O3 NAP C . 3.64 1.44 12.27
PN NAP C . 2.72 0.25 12.79
O1N NAP C . 2.00 -0.38 11.65
O2N NAP C . 1.89 0.85 13.88
O5D NAP C . 3.73 -0.78 13.48
C5D NAP C . 4.43 -0.47 14.70
C4D NAP C . 4.97 -1.74 15.32
O4D NAP C . 3.86 -2.68 15.44
C3D NAP C . 6.11 -2.39 14.50
O3D NAP C . 7.14 -2.87 15.34
C2D NAP C . 5.35 -3.45 13.76
O2D NAP C . 6.20 -4.50 13.36
C1D NAP C . 4.25 -3.86 14.70
N1N NAP C . 3.11 -4.50 13.99
C2N NAP C . 2.60 -5.67 14.56
C3N NAP C . 1.37 -6.19 14.13
C7N NAP C . 0.75 -7.40 14.80
O7N NAP C . -0.21 -7.98 14.26
N7N NAP C . 1.25 -7.78 15.99
C4N NAP C . 0.70 -5.55 13.04
C5N NAP C . 1.24 -4.37 12.46
C6N NAP C . 2.43 -3.84 12.96
P2B NAP C . 4.81 10.40 11.86
O1X NAP C . 4.15 10.52 10.50
O2X NAP C . 4.08 11.03 13.01
O3X NAP C . 6.29 10.80 11.81
O9 EMF D . 2.90 -8.71 7.26
C9 EMF D . 2.29 -8.64 8.33
O10 EMF D . 0.88 -9.03 8.37
C11 EMF D . 0.33 -9.88 7.36
C12 EMF D . 0.96 -11.25 7.42
C8 EMF D . 2.99 -8.13 9.57
C14 EMF D . 2.39 -6.88 10.21
C7 EMF D . 2.20 -8.25 10.89
C1 EMF D . 3.14 -8.59 12.04
C2 EMF D . 2.78 -9.64 12.94
C3 EMF D . 3.65 -9.96 14.02
O3 EMF D . 3.34 -10.98 14.90
C13 EMF D . 2.17 -10.91 15.72
C6 EMF D . 4.36 -7.87 12.23
C5 EMF D . 5.24 -8.16 13.29
C4 EMF D . 4.94 -9.20 14.20
O4 EMF D . 5.78 -9.50 15.23
PA NAP E . -4.58 6.54 -8.82
O1A NAP E . -4.68 5.34 -7.96
O2A NAP E . -3.39 7.42 -8.73
O5B NAP E . -5.95 7.32 -8.58
C5B NAP E . -6.37 8.33 -9.51
C4B NAP E . -7.23 9.29 -8.73
O4B NAP E . -8.58 8.77 -8.25
C3B NAP E . -6.76 9.75 -7.37
O3B NAP E . -5.71 10.68 -7.53
C2B NAP E . -7.98 10.35 -6.65
O2B NAP E . -8.07 11.75 -6.85
C1B NAP E . -9.16 9.62 -7.28
N9A NAP E . -9.89 8.75 -6.36
C8A NAP E . -9.35 7.82 -5.48
N7A NAP E . -10.26 7.18 -4.79
C5A NAP E . -11.44 7.69 -5.22
C6A NAP E . -12.79 7.42 -4.86
N6A NAP E . -13.09 6.50 -3.94
N1A NAP E . -13.77 8.13 -5.50
C2A NAP E . -13.45 9.06 -6.45
N3A NAP E . -12.20 9.40 -6.86
C4A NAP E . -11.25 8.67 -6.21
O3 NAP E . -4.82 6.06 -10.36
PN NAP E . -3.63 5.51 -11.27
O1N NAP E . -2.73 4.64 -10.48
O2N NAP E . -3.04 6.74 -11.90
O5D NAP E . -4.35 4.69 -12.43
C5D NAP E . -5.25 5.32 -13.37
C4D NAP E . -5.42 4.42 -14.58
O4D NAP E . -4.08 4.05 -15.05
C3D NAP E . -6.24 3.14 -14.30
O3D NAP E . -7.14 2.85 -15.36
C2D NAP E . -5.13 2.14 -14.11
O2D NAP E . -5.57 0.81 -14.35
C1D NAP E . -4.03 2.61 -15.03
N1N NAP E . -2.70 2.09 -14.62
C2N NAP E . -1.92 1.55 -15.64
C3N NAP E . -0.57 1.22 -15.40
C7N NAP E . 0.32 0.71 -16.51
O7N NAP E . 1.45 0.26 -16.24
N7N NAP E . -0.14 0.79 -17.76
C4N NAP E . -0.04 1.41 -14.07
C5N NAP E . -0.87 1.94 -13.05
C6N NAP E . -2.18 2.29 -13.33
P2B NAP E . -8.53 12.82 -5.75
O1X NAP E . -7.83 12.48 -4.44
O2X NAP E . -8.13 14.12 -6.40
O3X NAP E . -10.05 12.69 -5.63
O9 EMF F . -0.73 -4.77 -10.89
C9 EMF F . -0.27 -3.92 -11.65
O10 EMF F . 1.17 -3.68 -11.63
C11 EMF F . 2.07 -4.62 -11.03
C12 EMF F . 2.18 -5.85 -11.90
C8 EMF F . -1.17 -3.11 -12.55
C14 EMF F . -1.00 -1.60 -12.48
C7 EMF F . -0.48 -2.36 -13.71
C1 EMF F . -1.36 -2.35 -14.94
C2 EMF F . -0.78 -2.67 -16.20
C3 EMF F . -1.58 -2.66 -17.39
O3 EMF F . -1.04 -2.96 -18.61
C13 EMF F . 0.06 -2.22 -19.16
C6 EMF F . -2.75 -2.01 -14.87
C5 EMF F . -3.58 -1.99 -16.01
C4 EMF F . -3.04 -2.30 -17.28
O4 EMF F . -3.82 -2.28 -18.40
#